data_1D20
# 
_entry.id   1D20 
# 
_audit_conform.dict_name       mmcif_pdbx.dic 
_audit_conform.dict_version    5.392 
_audit_conform.dict_location   http://mmcif.pdb.org/dictionaries/ascii/mmcif_pdbx.dic 
# 
loop_
_database_2.database_id 
_database_2.database_code 
_database_2.pdbx_database_accession 
_database_2.pdbx_DOI 
PDB   1D20         pdb_00001d20 10.2210/pdb1d20/pdb 
WWPDB D_1000172625 ?            ?                   
# 
loop_
_pdbx_audit_revision_history.ordinal 
_pdbx_audit_revision_history.data_content_type 
_pdbx_audit_revision_history.major_revision 
_pdbx_audit_revision_history.minor_revision 
_pdbx_audit_revision_history.revision_date 
1 'Structure model' 1 0 1991-07-15 
2 'Structure model' 1 1 2008-03-24 
3 'Structure model' 1 2 2011-07-13 
4 'Structure model' 1 3 2022-02-16 
5 'Structure model' 1 4 2024-05-22 
# 
_pdbx_audit_revision_details.ordinal             1 
_pdbx_audit_revision_details.revision_ordinal    1 
_pdbx_audit_revision_details.data_content_type   'Structure model' 
_pdbx_audit_revision_details.provider            repository 
_pdbx_audit_revision_details.type                'Initial release' 
_pdbx_audit_revision_details.description         ? 
_pdbx_audit_revision_details.details             ? 
# 
loop_
_pdbx_audit_revision_group.ordinal 
_pdbx_audit_revision_group.revision_ordinal 
_pdbx_audit_revision_group.data_content_type 
_pdbx_audit_revision_group.group 
1 2 'Structure model' 'Version format compliance' 
2 3 'Structure model' 'Version format compliance' 
3 4 'Structure model' 'Database references'       
4 4 'Structure model' 'Derived calculations'      
5 4 'Structure model' Other                       
6 5 'Structure model' 'Data collection'           
# 
loop_
_pdbx_audit_revision_category.ordinal 
_pdbx_audit_revision_category.revision_ordinal 
_pdbx_audit_revision_category.data_content_type 
_pdbx_audit_revision_category.category 
1 4 'Structure model' database_2            
2 4 'Structure model' pdbx_database_status  
3 4 'Structure model' pdbx_struct_assembly  
4 4 'Structure model' pdbx_struct_oper_list 
5 5 'Structure model' chem_comp_atom        
6 5 'Structure model' chem_comp_bond        
# 
loop_
_pdbx_audit_revision_item.ordinal 
_pdbx_audit_revision_item.revision_ordinal 
_pdbx_audit_revision_item.data_content_type 
_pdbx_audit_revision_item.item 
1 4 'Structure model' '_database_2.pdbx_DOI'                
2 4 'Structure model' '_database_2.pdbx_database_accession' 
3 4 'Structure model' '_pdbx_database_status.process_site'  
# 
_pdbx_database_status.status_code                     REL 
_pdbx_database_status.entry_id                        1D20 
_pdbx_database_status.recvd_initial_deposition_date   1990-08-01 
_pdbx_database_status.deposit_site                    ? 
_pdbx_database_status.process_site                    BNL 
_pdbx_database_status.status_code_sf                  ? 
_pdbx_database_status.status_code_mr                  REL 
_pdbx_database_status.SG_entry                        ? 
_pdbx_database_status.pdb_format_compatible           Y 
_pdbx_database_status.status_code_cs                  ? 
_pdbx_database_status.status_code_nmr_data            ? 
_pdbx_database_status.methods_development_category    ? 
# 
loop_
_audit_author.name 
_audit_author.pdbx_ordinal 
'Baleja, J.D.' 1 
'Sykes, B.D.'  2 
# 
loop_
_citation.id 
_citation.title 
_citation.journal_abbrev 
_citation.journal_volume 
_citation.page_first 
_citation.page_last 
_citation.year 
_citation.journal_id_ASTM 
_citation.country 
_citation.journal_id_ISSN 
_citation.journal_id_CSD 
_citation.book_publisher 
_citation.pdbx_database_id_PubMed 
_citation.pdbx_database_id_DOI 
primary 
'Solution structure of phage lambda half-operator DNA by use of NMR, restrained molecular dynamics, and NOE-based refinement.' 
Biochemistry  29 4828 4839 1990 BICHAW US 0006-2960 0033 ? 2141998 10.1021/bi00472a012 
1       'Distance Measurement and Structure Refinement with Noe Data' J.Magn.Reson. 87 375  ?    1990 JOMRA4 US 0022-2364 0624 ? ? 
?                   
# 
loop_
_citation_author.citation_id 
_citation_author.name 
_citation_author.ordinal 
_citation_author.identifier_ORCID 
primary 'Baleja, J.D.' 1 ? 
primary 'Pon, R.T.'    2 ? 
primary 'Sykes, B.D.'  3 ? 
1       'Baleja, J.D.' 4 ? 
1       'Moult, J.'    5 ? 
1       'Sykes, B.D.'  6 ? 
# 
loop_
_entity.id 
_entity.type 
_entity.src_method 
_entity.pdbx_description 
_entity.formula_weight 
_entity.pdbx_number_of_molecules 
_entity.pdbx_ec 
_entity.pdbx_mutation 
_entity.pdbx_fragment 
_entity.details 
1 polymer syn 
;DNA (5'-D(*TP*CP*TP*AP*TP*CP*AP*CP*CP*G)-3')
;
2979.968 1 ? ? ? ? 
2 polymer syn 
;DNA (5'-D(*CP*GP*GP*TP*GP*AP*TP*AP*GP*A)-3')
;
3109.053 1 ? ? ? ? 
# 
loop_
_entity_keywords.entity_id 
_entity_keywords.text 
1 'DEOXYRIBONUCLEIC ACID' 
2 'DEOXYRIBONUCLEIC ACID' 
# 
loop_
_entity_poly.entity_id 
_entity_poly.type 
_entity_poly.nstd_linkage 
_entity_poly.nstd_monomer 
_entity_poly.pdbx_seq_one_letter_code 
_entity_poly.pdbx_seq_one_letter_code_can 
_entity_poly.pdbx_strand_id 
_entity_poly.pdbx_target_identifier 
1 polydeoxyribonucleotide no no '(DT)(DC)(DT)(DA)(DT)(DC)(DA)(DC)(DC)(DG)' TCTATCACCG A ? 
2 polydeoxyribonucleotide no no '(DC)(DG)(DG)(DT)(DG)(DA)(DT)(DA)(DG)(DA)' CGGTGATAGA B ? 
# 
loop_
_entity_poly_seq.entity_id 
_entity_poly_seq.num 
_entity_poly_seq.mon_id 
_entity_poly_seq.hetero 
1 1  DT n 
1 2  DC n 
1 3  DT n 
1 4  DA n 
1 5  DT n 
1 6  DC n 
1 7  DA n 
1 8  DC n 
1 9  DC n 
1 10 DG n 
2 1  DC n 
2 2  DG n 
2 3  DG n 
2 4  DT n 
2 5  DG n 
2 6  DA n 
2 7  DT n 
2 8  DA n 
2 9  DG n 
2 10 DA n 
# 
loop_
_pdbx_entity_src_syn.entity_id 
_pdbx_entity_src_syn.pdbx_src_id 
_pdbx_entity_src_syn.pdbx_alt_source_flag 
_pdbx_entity_src_syn.pdbx_beg_seq_num 
_pdbx_entity_src_syn.pdbx_end_seq_num 
_pdbx_entity_src_syn.organism_scientific 
_pdbx_entity_src_syn.organism_common_name 
_pdbx_entity_src_syn.ncbi_taxonomy_id 
_pdbx_entity_src_syn.details 
1 1 sample ? ? ? ? ? 'CHEMICALLY SYNTHESIZED' 
2 1 sample ? ? ? ? ? 'CHEMICALLY SYNTHESIZED' 
# 
loop_
_chem_comp.id 
_chem_comp.type 
_chem_comp.mon_nstd_flag 
_chem_comp.name 
_chem_comp.pdbx_synonyms 
_chem_comp.formula 
_chem_comp.formula_weight 
DA 'DNA linking' y "2'-DEOXYADENOSINE-5'-MONOPHOSPHATE" ? 'C10 H14 N5 O6 P' 331.222 
DC 'DNA linking' y "2'-DEOXYCYTIDINE-5'-MONOPHOSPHATE"  ? 'C9 H14 N3 O7 P'  307.197 
DG 'DNA linking' y "2'-DEOXYGUANOSINE-5'-MONOPHOSPHATE" ? 'C10 H14 N5 O7 P' 347.221 
DT 'DNA linking' y "THYMIDINE-5'-MONOPHOSPHATE"         ? 'C10 H15 N2 O8 P' 322.208 
# 
loop_
_pdbx_poly_seq_scheme.asym_id 
_pdbx_poly_seq_scheme.entity_id 
_pdbx_poly_seq_scheme.seq_id 
_pdbx_poly_seq_scheme.mon_id 
_pdbx_poly_seq_scheme.ndb_seq_num 
_pdbx_poly_seq_scheme.pdb_seq_num 
_pdbx_poly_seq_scheme.auth_seq_num 
_pdbx_poly_seq_scheme.pdb_mon_id 
_pdbx_poly_seq_scheme.auth_mon_id 
_pdbx_poly_seq_scheme.pdb_strand_id 
_pdbx_poly_seq_scheme.pdb_ins_code 
_pdbx_poly_seq_scheme.hetero 
A 1 1  DT 1  1  1  DT T A . n 
A 1 2  DC 2  2  2  DC C A . n 
A 1 3  DT 3  3  3  DT T A . n 
A 1 4  DA 4  4  4  DA A A . n 
A 1 5  DT 5  5  5  DT T A . n 
A 1 6  DC 6  6  6  DC C A . n 
A 1 7  DA 7  7  7  DA A A . n 
A 1 8  DC 8  8  8  DC C A . n 
A 1 9  DC 9  9  9  DC C A . n 
A 1 10 DG 10 10 10 DG G A . n 
B 2 1  DC 1  11 11 DC C B . n 
B 2 2  DG 2  12 12 DG G B . n 
B 2 3  DG 3  13 13 DG G B . n 
B 2 4  DT 4  14 14 DT T B . n 
B 2 5  DG 5  15 15 DG G B . n 
B 2 6  DA 6  16 16 DA A B . n 
B 2 7  DT 7  17 17 DT T B . n 
B 2 8  DA 8  18 18 DA A B . n 
B 2 9  DG 9  19 19 DG G B . n 
B 2 10 DA 10 20 20 DA A B . n 
# 
_cell.entry_id           1D20 
_cell.length_a           1.000 
_cell.length_b           1.000 
_cell.length_c           1.000 
_cell.angle_alpha        90.00 
_cell.angle_beta         90.00 
_cell.angle_gamma        90.00 
_cell.Z_PDB              1 
_cell.pdbx_unique_axis   ? 
# 
_symmetry.entry_id                         1D20 
_symmetry.space_group_name_H-M             'P 1' 
_symmetry.pdbx_full_space_group_name_H-M   ? 
_symmetry.cell_setting                     ? 
_symmetry.Int_Tables_number                1 
# 
_exptl.entry_id          1D20 
_exptl.method            'SOLUTION NMR' 
_exptl.crystals_number   ? 
# 
_struct.entry_id                  1D20 
_struct.title                     'SOLUTION STRUCTURE OF PHAGE LAMBDA HALF-OPERATOR DNA' 
_struct.pdbx_model_details        ? 
_struct.pdbx_CASP_flag            ? 
_struct.pdbx_model_type_details   ? 
# 
_struct_keywords.entry_id        1D20 
_struct_keywords.pdbx_keywords   DNA 
_struct_keywords.text            'DNA, DOUBLE HELIX, PHAGE LAMBDA HALF-OPERATOR' 
# 
loop_
_struct_asym.id 
_struct_asym.pdbx_blank_PDB_chainid_flag 
_struct_asym.pdbx_modified 
_struct_asym.entity_id 
_struct_asym.details 
A N N 1 ? 
B N N 2 ? 
# 
loop_
_struct_ref.id 
_struct_ref.entity_id 
_struct_ref.db_name 
_struct_ref.db_code 
_struct_ref.pdbx_db_accession 
_struct_ref.pdbx_db_isoform 
_struct_ref.pdbx_seq_one_letter_code 
_struct_ref.pdbx_align_begin 
1 1 PDB 1D20 1D20 ? ? ? 
2 2 PDB 1D20 1D20 ? ? ? 
# 
loop_
_struct_ref_seq.align_id 
_struct_ref_seq.ref_id 
_struct_ref_seq.pdbx_PDB_id_code 
_struct_ref_seq.pdbx_strand_id 
_struct_ref_seq.seq_align_beg 
_struct_ref_seq.pdbx_seq_align_beg_ins_code 
_struct_ref_seq.seq_align_end 
_struct_ref_seq.pdbx_seq_align_end_ins_code 
_struct_ref_seq.pdbx_db_accession 
_struct_ref_seq.db_align_beg 
_struct_ref_seq.pdbx_db_align_beg_ins_code 
_struct_ref_seq.db_align_end 
_struct_ref_seq.pdbx_db_align_end_ins_code 
_struct_ref_seq.pdbx_auth_seq_align_beg 
_struct_ref_seq.pdbx_auth_seq_align_end 
1 1 1D20 A 1 ? 10 ? 1D20 1  ? 10 ? 1  10 
2 2 1D20 B 1 ? 10 ? 1D20 11 ? 20 ? 11 20 
# 
_pdbx_struct_assembly.id                   1 
_pdbx_struct_assembly.details              author_defined_assembly 
_pdbx_struct_assembly.method_details       ? 
_pdbx_struct_assembly.oligomeric_details   dimeric 
_pdbx_struct_assembly.oligomeric_count     2 
# 
_pdbx_struct_assembly_gen.assembly_id       1 
_pdbx_struct_assembly_gen.oper_expression   1 
_pdbx_struct_assembly_gen.asym_id_list      A,B 
# 
_pdbx_struct_oper_list.id                   1 
_pdbx_struct_oper_list.type                 'identity operation' 
_pdbx_struct_oper_list.name                 1_555 
_pdbx_struct_oper_list.symmetry_operation   x,y,z 
_pdbx_struct_oper_list.matrix[1][1]         1.0000000000 
_pdbx_struct_oper_list.matrix[1][2]         0.0000000000 
_pdbx_struct_oper_list.matrix[1][3]         0.0000000000 
_pdbx_struct_oper_list.vector[1]            0.0000000000 
_pdbx_struct_oper_list.matrix[2][1]         0.0000000000 
_pdbx_struct_oper_list.matrix[2][2]         1.0000000000 
_pdbx_struct_oper_list.matrix[2][3]         0.0000000000 
_pdbx_struct_oper_list.vector[2]            0.0000000000 
_pdbx_struct_oper_list.matrix[3][1]         0.0000000000 
_pdbx_struct_oper_list.matrix[3][2]         0.0000000000 
_pdbx_struct_oper_list.matrix[3][3]         1.0000000000 
_pdbx_struct_oper_list.vector[3]            0.0000000000 
# 
_struct_biol.id   1 
# 
loop_
_struct_conn.id 
_struct_conn.conn_type_id 
_struct_conn.pdbx_leaving_atom_flag 
_struct_conn.pdbx_PDB_id 
_struct_conn.ptnr1_label_asym_id 
_struct_conn.ptnr1_label_comp_id 
_struct_conn.ptnr1_label_seq_id 
_struct_conn.ptnr1_label_atom_id 
_struct_conn.pdbx_ptnr1_label_alt_id 
_struct_conn.pdbx_ptnr1_PDB_ins_code 
_struct_conn.pdbx_ptnr1_standard_comp_id 
_struct_conn.ptnr1_symmetry 
_struct_conn.ptnr2_label_asym_id 
_struct_conn.ptnr2_label_comp_id 
_struct_conn.ptnr2_label_seq_id 
_struct_conn.ptnr2_label_atom_id 
_struct_conn.pdbx_ptnr2_label_alt_id 
_struct_conn.pdbx_ptnr2_PDB_ins_code 
_struct_conn.ptnr1_auth_asym_id 
_struct_conn.ptnr1_auth_comp_id 
_struct_conn.ptnr1_auth_seq_id 
_struct_conn.ptnr2_auth_asym_id 
_struct_conn.ptnr2_auth_comp_id 
_struct_conn.ptnr2_auth_seq_id 
_struct_conn.ptnr2_symmetry 
_struct_conn.pdbx_ptnr3_label_atom_id 
_struct_conn.pdbx_ptnr3_label_seq_id 
_struct_conn.pdbx_ptnr3_label_comp_id 
_struct_conn.pdbx_ptnr3_label_asym_id 
_struct_conn.pdbx_ptnr3_label_alt_id 
_struct_conn.pdbx_ptnr3_PDB_ins_code 
_struct_conn.details 
_struct_conn.pdbx_dist_value 
_struct_conn.pdbx_value_order 
_struct_conn.pdbx_role 
hydrog1  hydrog ? ? A DT 1  N3 ? ? ? 1_555 B DA 10 N1 ? ? A DT 1  B DA 20 1_555 ? ? ? ? ? ? WATSON-CRICK ? ? ? 
hydrog2  hydrog ? ? A DT 1  O4 ? ? ? 1_555 B DA 10 N6 ? ? A DT 1  B DA 20 1_555 ? ? ? ? ? ? WATSON-CRICK ? ? ? 
hydrog3  hydrog ? ? A DC 2  N3 ? ? ? 1_555 B DG 9  N1 ? ? A DC 2  B DG 19 1_555 ? ? ? ? ? ? WATSON-CRICK ? ? ? 
hydrog4  hydrog ? ? A DC 2  N4 ? ? ? 1_555 B DG 9  O6 ? ? A DC 2  B DG 19 1_555 ? ? ? ? ? ? WATSON-CRICK ? ? ? 
hydrog5  hydrog ? ? A DC 2  O2 ? ? ? 1_555 B DG 9  N2 ? ? A DC 2  B DG 19 1_555 ? ? ? ? ? ? WATSON-CRICK ? ? ? 
hydrog6  hydrog ? ? A DT 3  N3 ? ? ? 1_555 B DA 8  N1 ? ? A DT 3  B DA 18 1_555 ? ? ? ? ? ? WATSON-CRICK ? ? ? 
hydrog7  hydrog ? ? A DT 3  O4 ? ? ? 1_555 B DA 8  N6 ? ? A DT 3  B DA 18 1_555 ? ? ? ? ? ? WATSON-CRICK ? ? ? 
hydrog8  hydrog ? ? A DA 4  N1 ? ? ? 1_555 B DT 7  N3 ? ? A DA 4  B DT 17 1_555 ? ? ? ? ? ? WATSON-CRICK ? ? ? 
hydrog9  hydrog ? ? A DA 4  N6 ? ? ? 1_555 B DT 7  O4 ? ? A DA 4  B DT 17 1_555 ? ? ? ? ? ? WATSON-CRICK ? ? ? 
hydrog10 hydrog ? ? A DT 5  N3 ? ? ? 1_555 B DA 6  N1 ? ? A DT 5  B DA 16 1_555 ? ? ? ? ? ? WATSON-CRICK ? ? ? 
hydrog11 hydrog ? ? A DT 5  O4 ? ? ? 1_555 B DA 6  N6 ? ? A DT 5  B DA 16 1_555 ? ? ? ? ? ? WATSON-CRICK ? ? ? 
hydrog12 hydrog ? ? A DC 6  N3 ? ? ? 1_555 B DG 5  N1 ? ? A DC 6  B DG 15 1_555 ? ? ? ? ? ? WATSON-CRICK ? ? ? 
hydrog13 hydrog ? ? A DC 6  N4 ? ? ? 1_555 B DG 5  O6 ? ? A DC 6  B DG 15 1_555 ? ? ? ? ? ? WATSON-CRICK ? ? ? 
hydrog14 hydrog ? ? A DC 6  O2 ? ? ? 1_555 B DG 5  N2 ? ? A DC 6  B DG 15 1_555 ? ? ? ? ? ? WATSON-CRICK ? ? ? 
hydrog15 hydrog ? ? A DA 7  N1 ? ? ? 1_555 B DT 4  N3 ? ? A DA 7  B DT 14 1_555 ? ? ? ? ? ? WATSON-CRICK ? ? ? 
hydrog16 hydrog ? ? A DA 7  N6 ? ? ? 1_555 B DT 4  O4 ? ? A DA 7  B DT 14 1_555 ? ? ? ? ? ? WATSON-CRICK ? ? ? 
hydrog17 hydrog ? ? A DC 8  N3 ? ? ? 1_555 B DG 3  N1 ? ? A DC 8  B DG 13 1_555 ? ? ? ? ? ? WATSON-CRICK ? ? ? 
hydrog18 hydrog ? ? A DC 8  N4 ? ? ? 1_555 B DG 3  O6 ? ? A DC 8  B DG 13 1_555 ? ? ? ? ? ? WATSON-CRICK ? ? ? 
hydrog19 hydrog ? ? A DC 8  O2 ? ? ? 1_555 B DG 3  N2 ? ? A DC 8  B DG 13 1_555 ? ? ? ? ? ? WATSON-CRICK ? ? ? 
hydrog20 hydrog ? ? A DC 9  N3 ? ? ? 1_555 B DG 2  N1 ? ? A DC 9  B DG 12 1_555 ? ? ? ? ? ? WATSON-CRICK ? ? ? 
hydrog21 hydrog ? ? A DC 9  N4 ? ? ? 1_555 B DG 2  O6 ? ? A DC 9  B DG 12 1_555 ? ? ? ? ? ? WATSON-CRICK ? ? ? 
hydrog22 hydrog ? ? A DC 9  O2 ? ? ? 1_555 B DG 2  N2 ? ? A DC 9  B DG 12 1_555 ? ? ? ? ? ? WATSON-CRICK ? ? ? 
hydrog23 hydrog ? ? A DG 10 N1 ? ? ? 1_555 B DC 1  N3 ? ? A DG 10 B DC 11 1_555 ? ? ? ? ? ? WATSON-CRICK ? ? ? 
hydrog24 hydrog ? ? A DG 10 N2 ? ? ? 1_555 B DC 1  O2 ? ? A DG 10 B DC 11 1_555 ? ? ? ? ? ? WATSON-CRICK ? ? ? 
hydrog25 hydrog ? ? A DG 10 O6 ? ? ? 1_555 B DC 1  N4 ? ? A DG 10 B DC 11 1_555 ? ? ? ? ? ? WATSON-CRICK ? ? ? 
# 
_struct_conn_type.id          hydrog 
_struct_conn_type.criteria    ? 
_struct_conn_type.reference   ? 
# 
loop_
_pdbx_validate_rmsd_bond.id 
_pdbx_validate_rmsd_bond.PDB_model_num 
_pdbx_validate_rmsd_bond.auth_atom_id_1 
_pdbx_validate_rmsd_bond.auth_asym_id_1 
_pdbx_validate_rmsd_bond.auth_comp_id_1 
_pdbx_validate_rmsd_bond.auth_seq_id_1 
_pdbx_validate_rmsd_bond.PDB_ins_code_1 
_pdbx_validate_rmsd_bond.label_alt_id_1 
_pdbx_validate_rmsd_bond.auth_atom_id_2 
_pdbx_validate_rmsd_bond.auth_asym_id_2 
_pdbx_validate_rmsd_bond.auth_comp_id_2 
_pdbx_validate_rmsd_bond.auth_seq_id_2 
_pdbx_validate_rmsd_bond.PDB_ins_code_2 
_pdbx_validate_rmsd_bond.label_alt_id_2 
_pdbx_validate_rmsd_bond.bond_value 
_pdbx_validate_rmsd_bond.bond_target_value 
_pdbx_validate_rmsd_bond.bond_deviation 
_pdbx_validate_rmsd_bond.bond_standard_deviation 
_pdbx_validate_rmsd_bond.linker_flag 
1  1 C5 A DT 1  ? ? C6 A DT 1  ? ? 1.382 1.339 0.043  0.007 N 
2  1 N1 A DC 2  ? ? C6 A DC 2  ? ? 1.408 1.367 0.041  0.006 N 
3  1 C4 A DT 3  ? ? C5 A DT 3  ? ? 1.387 1.445 -0.058 0.009 N 
4  1 C5 A DT 3  ? ? C6 A DT 3  ? ? 1.391 1.339 0.052  0.007 N 
5  1 C5 A DA 4  ? ? N7 A DA 4  ? ? 1.329 1.388 -0.059 0.006 N 
6  1 N9 A DA 4  ? ? C4 A DA 4  ? ? 1.327 1.374 -0.047 0.006 N 
7  1 C4 A DT 5  ? ? C5 A DT 5  ? ? 1.388 1.445 -0.057 0.009 N 
8  1 C5 A DT 5  ? ? C6 A DT 5  ? ? 1.386 1.339 0.047  0.007 N 
9  1 N1 A DC 6  ? ? C6 A DC 6  ? ? 1.408 1.367 0.041  0.006 N 
10 1 C5 A DA 7  ? ? N7 A DA 7  ? ? 1.333 1.388 -0.055 0.006 N 
11 1 N9 A DA 7  ? ? C4 A DA 7  ? ? 1.325 1.374 -0.049 0.006 N 
12 1 C5 A DC 9  ? ? C6 A DC 9  ? ? 1.391 1.339 0.052  0.008 N 
13 1 C5 A DG 10 ? ? N7 A DG 10 ? ? 1.323 1.388 -0.065 0.006 N 
14 1 C5 B DG 12 ? ? N7 B DG 12 ? ? 1.334 1.388 -0.054 0.006 N 
15 1 C8 B DG 12 ? ? N9 B DG 12 ? ? 1.325 1.374 -0.049 0.007 N 
16 1 N9 B DG 12 ? ? C4 B DG 12 ? ? 1.322 1.375 -0.053 0.008 N 
17 1 C5 B DG 13 ? ? N7 B DG 13 ? ? 1.327 1.388 -0.061 0.006 N 
18 1 N9 B DG 13 ? ? C4 B DG 13 ? ? 1.319 1.375 -0.056 0.008 N 
19 1 C4 B DT 14 ? ? C5 B DT 14 ? ? 1.385 1.445 -0.060 0.009 N 
20 1 C5 B DT 14 ? ? C6 B DT 14 ? ? 1.393 1.339 0.054  0.007 N 
21 1 C5 B DG 15 ? ? N7 B DG 15 ? ? 1.332 1.388 -0.056 0.006 N 
22 1 C5 B DA 16 ? ? N7 B DA 16 ? ? 1.329 1.388 -0.059 0.006 N 
23 1 N9 B DA 16 ? ? C4 B DA 16 ? ? 1.324 1.374 -0.050 0.006 N 
24 1 C4 B DT 17 ? ? C5 B DT 17 ? ? 1.388 1.445 -0.057 0.009 N 
25 1 C5 B DT 17 ? ? C6 B DT 17 ? ? 1.387 1.339 0.048  0.007 N 
26 1 C5 B DA 18 ? ? N7 B DA 18 ? ? 1.334 1.388 -0.054 0.006 N 
27 1 N9 B DA 18 ? ? C4 B DA 18 ? ? 1.330 1.374 -0.044 0.006 N 
28 1 C5 B DG 19 ? ? N7 B DG 19 ? ? 1.326 1.388 -0.062 0.006 N 
29 1 N9 B DG 19 ? ? C4 B DG 19 ? ? 1.321 1.375 -0.054 0.008 N 
30 1 C5 B DA 20 ? ? N7 B DA 20 ? ? 1.327 1.388 -0.061 0.006 N 
31 1 N9 B DA 20 ? ? C4 B DA 20 ? ? 1.328 1.374 -0.046 0.006 N 
# 
loop_
_pdbx_validate_rmsd_angle.id 
_pdbx_validate_rmsd_angle.PDB_model_num 
_pdbx_validate_rmsd_angle.auth_atom_id_1 
_pdbx_validate_rmsd_angle.auth_asym_id_1 
_pdbx_validate_rmsd_angle.auth_comp_id_1 
_pdbx_validate_rmsd_angle.auth_seq_id_1 
_pdbx_validate_rmsd_angle.PDB_ins_code_1 
_pdbx_validate_rmsd_angle.label_alt_id_1 
_pdbx_validate_rmsd_angle.auth_atom_id_2 
_pdbx_validate_rmsd_angle.auth_asym_id_2 
_pdbx_validate_rmsd_angle.auth_comp_id_2 
_pdbx_validate_rmsd_angle.auth_seq_id_2 
_pdbx_validate_rmsd_angle.PDB_ins_code_2 
_pdbx_validate_rmsd_angle.label_alt_id_2 
_pdbx_validate_rmsd_angle.auth_atom_id_3 
_pdbx_validate_rmsd_angle.auth_asym_id_3 
_pdbx_validate_rmsd_angle.auth_comp_id_3 
_pdbx_validate_rmsd_angle.auth_seq_id_3 
_pdbx_validate_rmsd_angle.PDB_ins_code_3 
_pdbx_validate_rmsd_angle.label_alt_id_3 
_pdbx_validate_rmsd_angle.angle_value 
_pdbx_validate_rmsd_angle.angle_target_value 
_pdbx_validate_rmsd_angle.angle_deviation 
_pdbx_validate_rmsd_angle.angle_standard_deviation 
_pdbx_validate_rmsd_angle.linker_flag 
1   1 N1    A DT 1  ? ? C2    A DT 1  ? ? N3 A DT 1  ? ? 119.39 114.60 4.79  0.60 N 
2   1 C2    A DT 1  ? ? N3    A DT 1  ? ? C4 A DT 1  ? ? 121.38 127.20 -5.82 0.60 N 
3   1 N3    A DT 1  ? ? C4    A DT 1  ? ? C5 A DT 1  ? ? 119.66 115.20 4.46  0.60 N 
4   1 N3    A DT 1  ? ? C2    A DT 1  ? ? O2 A DT 1  ? ? 118.50 122.30 -3.80 0.60 N 
5   1 C6    A DT 1  ? ? C5    A DT 1  ? ? C7 A DT 1  ? ? 118.43 122.90 -4.47 0.60 N 
6   1 C6    A DC 2  ? ? N1    A DC 2  ? ? C2 A DC 2  ? ? 117.80 120.30 -2.50 0.40 N 
7   1 C2    A DC 2  ? ? N3    A DC 2  ? ? C4 A DC 2  ? ? 122.92 119.90 3.02  0.50 N 
8   1 N3    A DC 2  ? ? C4    A DC 2  ? ? C5 A DC 2  ? ? 119.49 121.90 -2.41 0.40 N 
9   1 N1    A DT 3  ? ? C2    A DT 3  ? ? N3 A DT 3  ? ? 119.68 114.60 5.08  0.60 N 
10  1 C2    A DT 3  ? ? N3    A DT 3  ? ? C4 A DT 3  ? ? 121.26 127.20 -5.94 0.60 N 
11  1 N3    A DT 3  ? ? C4    A DT 3  ? ? C5 A DT 3  ? ? 119.18 115.20 3.98  0.60 N 
12  1 N3    A DT 3  ? ? C2    A DT 3  ? ? O2 A DT 3  ? ? 118.50 122.30 -3.80 0.60 N 
13  1 C6    A DT 3  ? ? C5    A DT 3  ? ? C7 A DT 3  ? ? 117.64 122.90 -5.26 0.60 N 
14  1 N1    A DA 4  ? ? C2    A DA 4  ? ? N3 A DA 4  ? ? 122.76 129.30 -6.54 0.50 N 
15  1 C2    A DA 4  ? ? N3    A DA 4  ? ? C4 A DA 4  ? ? 119.59 110.60 8.99  0.50 N 
16  1 N3    A DA 4  ? ? C4    A DA 4  ? ? C5 A DA 4  ? ? 119.35 126.80 -7.45 0.70 N 
17  1 C5    A DA 4  ? ? N7    A DA 4  ? ? C8 A DA 4  ? ? 107.16 103.90 3.26  0.50 N 
18  1 N7    A DA 4  ? ? C8    A DA 4  ? ? N9 A DA 4  ? ? 110.31 113.80 -3.49 0.50 N 
19  1 N3    A DA 4  ? ? C4    A DA 4  ? ? N9 A DA 4  ? ? 133.08 127.40 5.68  0.80 N 
20  1 "O4'" A DT 5  ? ? "C1'" A DT 5  ? ? N1 A DT 5  ? ? 110.27 108.30 1.97  0.30 N 
21  1 N1    A DT 5  ? ? C2    A DT 5  ? ? N3 A DT 5  ? ? 119.89 114.60 5.29  0.60 N 
22  1 C2    A DT 5  ? ? N3    A DT 5  ? ? C4 A DT 5  ? ? 121.00 127.20 -6.20 0.60 N 
23  1 N3    A DT 5  ? ? C4    A DT 5  ? ? C5 A DT 5  ? ? 119.44 115.20 4.24  0.60 N 
24  1 N3    A DT 5  ? ? C2    A DT 5  ? ? O2 A DT 5  ? ? 118.21 122.30 -4.09 0.60 N 
25  1 C4    A DT 5  ? ? C5    A DT 5  ? ? C7 A DT 5  ? ? 122.98 119.00 3.98  0.60 N 
26  1 C6    A DT 5  ? ? C5    A DT 5  ? ? C7 A DT 5  ? ? 116.64 122.90 -6.26 0.60 N 
27  1 N1    A DA 7  ? ? C2    A DA 7  ? ? N3 A DA 7  ? ? 122.18 129.30 -7.12 0.50 N 
28  1 C2    A DA 7  ? ? N3    A DA 7  ? ? C4 A DA 7  ? ? 120.07 110.60 9.47  0.50 N 
29  1 N3    A DA 7  ? ? C4    A DA 7  ? ? C5 A DA 7  ? ? 119.21 126.80 -7.59 0.70 N 
30  1 C5    A DA 7  ? ? N7    A DA 7  ? ? C8 A DA 7  ? ? 107.09 103.90 3.19  0.50 N 
31  1 N7    A DA 7  ? ? C8    A DA 7  ? ? N9 A DA 7  ? ? 109.93 113.80 -3.87 0.50 N 
32  1 N3    A DA 7  ? ? C4    A DA 7  ? ? N9 A DA 7  ? ? 133.28 127.40 5.88  0.80 N 
33  1 "O4'" A DC 9  ? ? "C1'" A DC 9  ? ? N1 A DC 9  ? ? 110.27 108.30 1.97  0.30 N 
34  1 C6    A DG 10 ? ? N1    A DG 10 ? ? C2 A DG 10 ? ? 119.02 125.10 -6.08 0.60 N 
35  1 C2    A DG 10 ? ? N3    A DG 10 ? ? C4 A DG 10 ? ? 120.76 111.90 8.86  0.50 N 
36  1 N3    A DG 10 ? ? C4    A DG 10 ? ? C5 A DG 10 ? ? 121.51 128.60 -7.09 0.50 N 
37  1 C5    A DG 10 ? ? C6    A DG 10 ? ? N1 A DG 10 ? ? 119.20 111.50 7.70  0.50 N 
38  1 C4    A DG 10 ? ? C5    A DG 10 ? ? N7 A DG 10 ? ? 107.99 110.80 -2.81 0.40 N 
39  1 C5    A DG 10 ? ? N7    A DG 10 ? ? C8 A DG 10 ? ? 107.41 104.30 3.11  0.50 N 
40  1 N7    A DG 10 ? ? C8    A DG 10 ? ? N9 A DG 10 ? ? 110.02 113.10 -3.08 0.50 N 
41  1 N3    A DG 10 ? ? C4    A DG 10 ? ? N9 A DG 10 ? ? 131.89 126.00 5.89  0.60 N 
42  1 C5    A DG 10 ? ? C6    A DG 10 ? ? O6 A DG 10 ? ? 120.48 128.60 -8.12 0.60 N 
43  1 C6    B DG 12 ? ? N1    B DG 12 ? ? C2 B DG 12 ? ? 119.76 125.10 -5.34 0.60 N 
44  1 C2    B DG 12 ? ? N3    B DG 12 ? ? C4 B DG 12 ? ? 120.87 111.90 8.97  0.50 N 
45  1 N3    B DG 12 ? ? C4    B DG 12 ? ? C5 B DG 12 ? ? 121.12 128.60 -7.48 0.50 N 
46  1 C5    B DG 12 ? ? C6    B DG 12 ? ? N1 B DG 12 ? ? 118.22 111.50 6.72  0.50 N 
47  1 C4    B DG 12 ? ? C5    B DG 12 ? ? N7 B DG 12 ? ? 107.33 110.80 -3.47 0.40 N 
48  1 N3    B DG 12 ? ? C4    B DG 12 ? ? N9 B DG 12 ? ? 131.61 126.00 5.61  0.60 N 
49  1 C5    B DG 12 ? ? C6    B DG 12 ? ? O6 B DG 12 ? ? 121.29 128.60 -7.31 0.60 N 
50  1 C6    B DG 13 ? ? N1    B DG 13 ? ? C2 B DG 13 ? ? 119.95 125.10 -5.15 0.60 N 
51  1 N1    B DG 13 ? ? C2    B DG 13 ? ? N3 B DG 13 ? ? 120.08 123.90 -3.82 0.60 N 
52  1 C2    B DG 13 ? ? N3    B DG 13 ? ? C4 B DG 13 ? ? 121.50 111.90 9.60  0.50 N 
53  1 N3    B DG 13 ? ? C4    B DG 13 ? ? C5 B DG 13 ? ? 120.50 128.60 -8.10 0.50 N 
54  1 C5    B DG 13 ? ? C6    B DG 13 ? ? N1 B DG 13 ? ? 118.30 111.50 6.80  0.50 N 
55  1 C4    B DG 13 ? ? C5    B DG 13 ? ? N7 B DG 13 ? ? 108.08 110.80 -2.72 0.40 N 
56  1 N3    B DG 13 ? ? C4    B DG 13 ? ? N9 B DG 13 ? ? 132.58 126.00 6.58  0.60 N 
57  1 C5    B DG 13 ? ? C6    B DG 13 ? ? O6 B DG 13 ? ? 120.17 128.60 -8.43 0.60 N 
58  1 N1    B DT 14 ? ? C2    B DT 14 ? ? N3 B DT 14 ? ? 119.77 114.60 5.17  0.60 N 
59  1 C2    B DT 14 ? ? N3    B DT 14 ? ? C4 B DT 14 ? ? 121.00 127.20 -6.20 0.60 N 
60  1 N3    B DT 14 ? ? C4    B DT 14 ? ? C5 B DT 14 ? ? 119.50 115.20 4.30  0.60 N 
61  1 N3    B DT 14 ? ? C2    B DT 14 ? ? O2 B DT 14 ? ? 117.98 122.30 -4.32 0.60 N 
62  1 C6    B DT 14 ? ? C5    B DT 14 ? ? C7 B DT 14 ? ? 117.75 122.90 -5.15 0.60 N 
63  1 C6    B DG 15 ? ? N1    B DG 15 ? ? C2 B DG 15 ? ? 119.42 125.10 -5.68 0.60 N 
64  1 C2    B DG 15 ? ? N3    B DG 15 ? ? C4 B DG 15 ? ? 121.01 111.90 9.11  0.50 N 
65  1 N3    B DG 15 ? ? C4    B DG 15 ? ? C5 B DG 15 ? ? 120.81 128.60 -7.79 0.50 N 
66  1 C5    B DG 15 ? ? C6    B DG 15 ? ? N1 B DG 15 ? ? 118.62 111.50 7.12  0.50 N 
67  1 C4    B DG 15 ? ? C5    B DG 15 ? ? N7 B DG 15 ? ? 107.60 110.80 -3.20 0.40 N 
68  1 N3    B DG 15 ? ? C4    B DG 15 ? ? N9 B DG 15 ? ? 131.47 126.00 5.47  0.60 N 
69  1 C5    B DG 15 ? ? C6    B DG 15 ? ? O6 B DG 15 ? ? 121.05 128.60 -7.55 0.60 N 
70  1 N1    B DA 16 ? ? C2    B DA 16 ? ? N3 B DA 16 ? ? 122.60 129.30 -6.70 0.50 N 
71  1 C2    B DA 16 ? ? N3    B DA 16 ? ? C4 B DA 16 ? ? 119.50 110.60 8.90  0.50 N 
72  1 N3    B DA 16 ? ? C4    B DA 16 ? ? C5 B DA 16 ? ? 119.70 126.80 -7.10 0.70 N 
73  1 C5    B DA 16 ? ? N7    B DA 16 ? ? C8 B DA 16 ? ? 107.06 103.90 3.16  0.50 N 
74  1 N7    B DA 16 ? ? C8    B DA 16 ? ? N9 B DA 16 ? ? 110.22 113.80 -3.58 0.50 N 
75  1 N3    B DA 16 ? ? C4    B DA 16 ? ? N9 B DA 16 ? ? 133.23 127.40 5.83  0.80 N 
76  1 "O4'" B DT 17 ? ? "C1'" B DT 17 ? ? N1 B DT 17 ? ? 110.18 108.30 1.88  0.30 N 
77  1 N1    B DT 17 ? ? C2    B DT 17 ? ? N3 B DT 17 ? ? 120.11 114.60 5.51  0.60 N 
78  1 C2    B DT 17 ? ? N3    B DT 17 ? ? C4 B DT 17 ? ? 120.86 127.20 -6.34 0.60 N 
79  1 N3    B DT 17 ? ? C4    B DT 17 ? ? C5 B DT 17 ? ? 119.22 115.20 4.02  0.60 N 
80  1 N3    B DT 17 ? ? C2    B DT 17 ? ? O2 B DT 17 ? ? 118.06 122.30 -4.24 0.60 N 
81  1 C6    B DT 17 ? ? C5    B DT 17 ? ? C7 B DT 17 ? ? 117.08 122.90 -5.82 0.60 N 
82  1 N1    B DA 18 ? ? C2    B DA 18 ? ? N3 B DA 18 ? ? 123.29 129.30 -6.01 0.50 N 
83  1 C2    B DA 18 ? ? N3    B DA 18 ? ? C4 B DA 18 ? ? 119.35 110.60 8.75  0.50 N 
84  1 N3    B DA 18 ? ? C4    B DA 18 ? ? C5 B DA 18 ? ? 119.48 126.80 -7.32 0.70 N 
85  1 N7    B DA 18 ? ? C8    B DA 18 ? ? N9 B DA 18 ? ? 110.30 113.80 -3.50 0.50 N 
86  1 N3    B DA 18 ? ? C4    B DA 18 ? ? N9 B DA 18 ? ? 132.98 127.40 5.58  0.80 N 
87  1 C6    B DG 19 ? ? N1    B DG 19 ? ? C2 B DG 19 ? ? 119.60 125.10 -5.50 0.60 N 
88  1 C2    B DG 19 ? ? N3    B DG 19 ? ? C4 B DG 19 ? ? 120.94 111.90 9.04  0.50 N 
89  1 N3    B DG 19 ? ? C4    B DG 19 ? ? C5 B DG 19 ? ? 121.21 128.60 -7.39 0.50 N 
90  1 C5    B DG 19 ? ? C6    B DG 19 ? ? N1 B DG 19 ? ? 118.60 111.50 7.10  0.50 N 
91  1 C4    B DG 19 ? ? C5    B DG 19 ? ? N7 B DG 19 ? ? 107.53 110.80 -3.27 0.40 N 
92  1 C5    B DG 19 ? ? N7    B DG 19 ? ? C8 B DG 19 ? ? 107.41 104.30 3.11  0.50 N 
93  1 N7    B DG 19 ? ? C8    B DG 19 ? ? N9 B DG 19 ? ? 110.08 113.10 -3.02 0.50 N 
94  1 N3    B DG 19 ? ? C4    B DG 19 ? ? N9 B DG 19 ? ? 131.16 126.00 5.16  0.60 N 
95  1 C5    B DG 19 ? ? C6    B DG 19 ? ? O6 B DG 19 ? ? 121.00 128.60 -7.60 0.60 N 
96  1 N1    B DA 20 ? ? C2    B DA 20 ? ? N3 B DA 20 ? ? 122.95 129.30 -6.35 0.50 N 
97  1 C2    B DA 20 ? ? N3    B DA 20 ? ? C4 B DA 20 ? ? 119.27 110.60 8.67  0.50 N 
98  1 N3    B DA 20 ? ? C4    B DA 20 ? ? C5 B DA 20 ? ? 120.22 126.80 -6.58 0.70 N 
99  1 C5    B DA 20 ? ? N7    B DA 20 ? ? C8 B DA 20 ? ? 107.28 103.90 3.38  0.50 N 
100 1 N7    B DA 20 ? ? C8    B DA 20 ? ? N9 B DA 20 ? ? 109.82 113.80 -3.98 0.50 N 
101 1 N3    B DA 20 ? ? C4    B DA 20 ? ? N9 B DA 20 ? ? 133.17 127.40 5.77  0.80 N 
# 
loop_
_pdbx_validate_planes.id 
_pdbx_validate_planes.PDB_model_num 
_pdbx_validate_planes.auth_comp_id 
_pdbx_validate_planes.auth_asym_id 
_pdbx_validate_planes.auth_seq_id 
_pdbx_validate_planes.PDB_ins_code 
_pdbx_validate_planes.label_alt_id 
_pdbx_validate_planes.rmsd 
_pdbx_validate_planes.type 
1  1 DC A 2  ? ? 0.121 'SIDE CHAIN' 
2  1 DT A 3  ? ? 0.127 'SIDE CHAIN' 
3  1 DA A 4  ? ? 0.074 'SIDE CHAIN' 
4  1 DT A 5  ? ? 0.092 'SIDE CHAIN' 
5  1 DC A 6  ? ? 0.083 'SIDE CHAIN' 
6  1 DA A 7  ? ? 0.054 'SIDE CHAIN' 
7  1 DC A 9  ? ? 0.093 'SIDE CHAIN' 
8  1 DC B 11 ? ? 0.076 'SIDE CHAIN' 
9  1 DG B 12 ? ? 0.058 'SIDE CHAIN' 
10 1 DG B 13 ? ? 0.073 'SIDE CHAIN' 
11 1 DT B 14 ? ? 0.104 'SIDE CHAIN' 
12 1 DG B 15 ? ? 0.075 'SIDE CHAIN' 
13 1 DA B 16 ? ? 0.087 'SIDE CHAIN' 
14 1 DT B 17 ? ? 0.102 'SIDE CHAIN' 
15 1 DA B 18 ? ? 0.077 'SIDE CHAIN' 
# 
_pdbx_nmr_ensemble.entry_id                                      1D20 
_pdbx_nmr_ensemble.conformers_calculated_total_number            ? 
_pdbx_nmr_ensemble.conformers_submitted_total_number             1 
_pdbx_nmr_ensemble.conformer_selection_criteria                  ? 
_pdbx_nmr_ensemble.average_constraints_per_residue               ? 
_pdbx_nmr_ensemble.average_constraint_violations_per_residue     ? 
_pdbx_nmr_ensemble.maximum_distance_constraint_violation         ? 
_pdbx_nmr_ensemble.average_distance_constraint_violation         ? 
_pdbx_nmr_ensemble.maximum_upper_distance_constraint_violation   ? 
_pdbx_nmr_ensemble.maximum_lower_distance_constraint_violation   ? 
_pdbx_nmr_ensemble.distance_constraint_violation_method          ? 
_pdbx_nmr_ensemble.maximum_torsion_angle_constraint_violation    ? 
_pdbx_nmr_ensemble.average_torsion_angle_constraint_violation    ? 
_pdbx_nmr_ensemble.torsion_angle_constraint_violation_method     ? 
# 
_pdbx_nmr_refine.entry_id           1D20 
_pdbx_nmr_refine.method             'ENERGY MINIMIZATION, MOLECULAR DYNAMICS' 
_pdbx_nmr_refine.details            
;THE STRUCTURE WAS REFINED AGAINST PRIMARY NOE DATA. THE R VALUE IS 0.19 OVER ALL OBSERVED, QUANTIFIED, NOE CROSSPEAK INTENSITIES. THE NOE-BASED PROCEDURE USED TO REFINE THESE STRUCTURES INCLUDED CORRELATION TIME ADJUSTMENT FACTORS, WHICH ARE APPROXIMATELY RELATED TO THE INVERSE OF THE TEMPERATURE FACTORS ASSOCIATED WITH X-RAY CRYSTALLOGRAPHY. THESE VALUES ARE INCLUDED IN THE COLUMN NORMALLY USED FOR TEMPERATURE FACTORS. VALUES OF 0.0 APPEAR FOR NON-HYDROGEN ATOMS, WHICH WERE NOT USED IN THE NMR CALCULATIONS. FURTHER DETAILS ARE GIVEN IN REFERENCE 1.
;
_pdbx_nmr_refine.software_ordinal   1 
# 
_pdbx_nmr_software.name             GROMOS 
_pdbx_nmr_software.version          ? 
_pdbx_nmr_software.classification   refinement 
_pdbx_nmr_software.authors          'DE VLIEG ET AL.' 
_pdbx_nmr_software.ordinal          1 
# 
loop_
_chem_comp_atom.comp_id 
_chem_comp_atom.atom_id 
_chem_comp_atom.type_symbol 
_chem_comp_atom.pdbx_aromatic_flag 
_chem_comp_atom.pdbx_stereo_config 
_chem_comp_atom.pdbx_ordinal 
DA OP3    O N N 1   
DA P      P N N 2   
DA OP1    O N N 3   
DA OP2    O N N 4   
DA "O5'"  O N N 5   
DA "C5'"  C N N 6   
DA "C4'"  C N R 7   
DA "O4'"  O N N 8   
DA "C3'"  C N S 9   
DA "O3'"  O N N 10  
DA "C2'"  C N N 11  
DA "C1'"  C N R 12  
DA N9     N Y N 13  
DA C8     C Y N 14  
DA N7     N Y N 15  
DA C5     C Y N 16  
DA C6     C Y N 17  
DA N6     N N N 18  
DA N1     N Y N 19  
DA C2     C Y N 20  
DA N3     N Y N 21  
DA C4     C Y N 22  
DA HOP3   H N N 23  
DA HOP2   H N N 24  
DA "H5'"  H N N 25  
DA "H5''" H N N 26  
DA "H4'"  H N N 27  
DA "H3'"  H N N 28  
DA "HO3'" H N N 29  
DA "H2'"  H N N 30  
DA "H2''" H N N 31  
DA "H1'"  H N N 32  
DA H8     H N N 33  
DA H61    H N N 34  
DA H62    H N N 35  
DA H2     H N N 36  
DC OP3    O N N 37  
DC P      P N N 38  
DC OP1    O N N 39  
DC OP2    O N N 40  
DC "O5'"  O N N 41  
DC "C5'"  C N N 42  
DC "C4'"  C N R 43  
DC "O4'"  O N N 44  
DC "C3'"  C N S 45  
DC "O3'"  O N N 46  
DC "C2'"  C N N 47  
DC "C1'"  C N R 48  
DC N1     N N N 49  
DC C2     C N N 50  
DC O2     O N N 51  
DC N3     N N N 52  
DC C4     C N N 53  
DC N4     N N N 54  
DC C5     C N N 55  
DC C6     C N N 56  
DC HOP3   H N N 57  
DC HOP2   H N N 58  
DC "H5'"  H N N 59  
DC "H5''" H N N 60  
DC "H4'"  H N N 61  
DC "H3'"  H N N 62  
DC "HO3'" H N N 63  
DC "H2'"  H N N 64  
DC "H2''" H N N 65  
DC "H1'"  H N N 66  
DC H41    H N N 67  
DC H42    H N N 68  
DC H5     H N N 69  
DC H6     H N N 70  
DG OP3    O N N 71  
DG P      P N N 72  
DG OP1    O N N 73  
DG OP2    O N N 74  
DG "O5'"  O N N 75  
DG "C5'"  C N N 76  
DG "C4'"  C N R 77  
DG "O4'"  O N N 78  
DG "C3'"  C N S 79  
DG "O3'"  O N N 80  
DG "C2'"  C N N 81  
DG "C1'"  C N R 82  
DG N9     N Y N 83  
DG C8     C Y N 84  
DG N7     N Y N 85  
DG C5     C Y N 86  
DG C6     C N N 87  
DG O6     O N N 88  
DG N1     N N N 89  
DG C2     C N N 90  
DG N2     N N N 91  
DG N3     N N N 92  
DG C4     C Y N 93  
DG HOP3   H N N 94  
DG HOP2   H N N 95  
DG "H5'"  H N N 96  
DG "H5''" H N N 97  
DG "H4'"  H N N 98  
DG "H3'"  H N N 99  
DG "HO3'" H N N 100 
DG "H2'"  H N N 101 
DG "H2''" H N N 102 
DG "H1'"  H N N 103 
DG H8     H N N 104 
DG H1     H N N 105 
DG H21    H N N 106 
DG H22    H N N 107 
DT OP3    O N N 108 
DT P      P N N 109 
DT OP1    O N N 110 
DT OP2    O N N 111 
DT "O5'"  O N N 112 
DT "C5'"  C N N 113 
DT "C4'"  C N R 114 
DT "O4'"  O N N 115 
DT "C3'"  C N S 116 
DT "O3'"  O N N 117 
DT "C2'"  C N N 118 
DT "C1'"  C N R 119 
DT N1     N N N 120 
DT C2     C N N 121 
DT O2     O N N 122 
DT N3     N N N 123 
DT C4     C N N 124 
DT O4     O N N 125 
DT C5     C N N 126 
DT C7     C N N 127 
DT C6     C N N 128 
DT HOP3   H N N 129 
DT HOP2   H N N 130 
DT "H5'"  H N N 131 
DT "H5''" H N N 132 
DT "H4'"  H N N 133 
DT "H3'"  H N N 134 
DT "HO3'" H N N 135 
DT "H2'"  H N N 136 
DT "H2''" H N N 137 
DT "H1'"  H N N 138 
DT H3     H N N 139 
DT H71    H N N 140 
DT H72    H N N 141 
DT H73    H N N 142 
DT H6     H N N 143 
# 
loop_
_chem_comp_bond.comp_id 
_chem_comp_bond.atom_id_1 
_chem_comp_bond.atom_id_2 
_chem_comp_bond.value_order 
_chem_comp_bond.pdbx_aromatic_flag 
_chem_comp_bond.pdbx_stereo_config 
_chem_comp_bond.pdbx_ordinal 
DA OP3   P      sing N N 1   
DA OP3   HOP3   sing N N 2   
DA P     OP1    doub N N 3   
DA P     OP2    sing N N 4   
DA P     "O5'"  sing N N 5   
DA OP2   HOP2   sing N N 6   
DA "O5'" "C5'"  sing N N 7   
DA "C5'" "C4'"  sing N N 8   
DA "C5'" "H5'"  sing N N 9   
DA "C5'" "H5''" sing N N 10  
DA "C4'" "O4'"  sing N N 11  
DA "C4'" "C3'"  sing N N 12  
DA "C4'" "H4'"  sing N N 13  
DA "O4'" "C1'"  sing N N 14  
DA "C3'" "O3'"  sing N N 15  
DA "C3'" "C2'"  sing N N 16  
DA "C3'" "H3'"  sing N N 17  
DA "O3'" "HO3'" sing N N 18  
DA "C2'" "C1'"  sing N N 19  
DA "C2'" "H2'"  sing N N 20  
DA "C2'" "H2''" sing N N 21  
DA "C1'" N9     sing N N 22  
DA "C1'" "H1'"  sing N N 23  
DA N9    C8     sing Y N 24  
DA N9    C4     sing Y N 25  
DA C8    N7     doub Y N 26  
DA C8    H8     sing N N 27  
DA N7    C5     sing Y N 28  
DA C5    C6     sing Y N 29  
DA C5    C4     doub Y N 30  
DA C6    N6     sing N N 31  
DA C6    N1     doub Y N 32  
DA N6    H61    sing N N 33  
DA N6    H62    sing N N 34  
DA N1    C2     sing Y N 35  
DA C2    N3     doub Y N 36  
DA C2    H2     sing N N 37  
DA N3    C4     sing Y N 38  
DC OP3   P      sing N N 39  
DC OP3   HOP3   sing N N 40  
DC P     OP1    doub N N 41  
DC P     OP2    sing N N 42  
DC P     "O5'"  sing N N 43  
DC OP2   HOP2   sing N N 44  
DC "O5'" "C5'"  sing N N 45  
DC "C5'" "C4'"  sing N N 46  
DC "C5'" "H5'"  sing N N 47  
DC "C5'" "H5''" sing N N 48  
DC "C4'" "O4'"  sing N N 49  
DC "C4'" "C3'"  sing N N 50  
DC "C4'" "H4'"  sing N N 51  
DC "O4'" "C1'"  sing N N 52  
DC "C3'" "O3'"  sing N N 53  
DC "C3'" "C2'"  sing N N 54  
DC "C3'" "H3'"  sing N N 55  
DC "O3'" "HO3'" sing N N 56  
DC "C2'" "C1'"  sing N N 57  
DC "C2'" "H2'"  sing N N 58  
DC "C2'" "H2''" sing N N 59  
DC "C1'" N1     sing N N 60  
DC "C1'" "H1'"  sing N N 61  
DC N1    C2     sing N N 62  
DC N1    C6     sing N N 63  
DC C2    O2     doub N N 64  
DC C2    N3     sing N N 65  
DC N3    C4     doub N N 66  
DC C4    N4     sing N N 67  
DC C4    C5     sing N N 68  
DC N4    H41    sing N N 69  
DC N4    H42    sing N N 70  
DC C5    C6     doub N N 71  
DC C5    H5     sing N N 72  
DC C6    H6     sing N N 73  
DG OP3   P      sing N N 74  
DG OP3   HOP3   sing N N 75  
DG P     OP1    doub N N 76  
DG P     OP2    sing N N 77  
DG P     "O5'"  sing N N 78  
DG OP2   HOP2   sing N N 79  
DG "O5'" "C5'"  sing N N 80  
DG "C5'" "C4'"  sing N N 81  
DG "C5'" "H5'"  sing N N 82  
DG "C5'" "H5''" sing N N 83  
DG "C4'" "O4'"  sing N N 84  
DG "C4'" "C3'"  sing N N 85  
DG "C4'" "H4'"  sing N N 86  
DG "O4'" "C1'"  sing N N 87  
DG "C3'" "O3'"  sing N N 88  
DG "C3'" "C2'"  sing N N 89  
DG "C3'" "H3'"  sing N N 90  
DG "O3'" "HO3'" sing N N 91  
DG "C2'" "C1'"  sing N N 92  
DG "C2'" "H2'"  sing N N 93  
DG "C2'" "H2''" sing N N 94  
DG "C1'" N9     sing N N 95  
DG "C1'" "H1'"  sing N N 96  
DG N9    C8     sing Y N 97  
DG N9    C4     sing Y N 98  
DG C8    N7     doub Y N 99  
DG C8    H8     sing N N 100 
DG N7    C5     sing Y N 101 
DG C5    C6     sing N N 102 
DG C5    C4     doub Y N 103 
DG C6    O6     doub N N 104 
DG C6    N1     sing N N 105 
DG N1    C2     sing N N 106 
DG N1    H1     sing N N 107 
DG C2    N2     sing N N 108 
DG C2    N3     doub N N 109 
DG N2    H21    sing N N 110 
DG N2    H22    sing N N 111 
DG N3    C4     sing N N 112 
DT OP3   P      sing N N 113 
DT OP3   HOP3   sing N N 114 
DT P     OP1    doub N N 115 
DT P     OP2    sing N N 116 
DT P     "O5'"  sing N N 117 
DT OP2   HOP2   sing N N 118 
DT "O5'" "C5'"  sing N N 119 
DT "C5'" "C4'"  sing N N 120 
DT "C5'" "H5'"  sing N N 121 
DT "C5'" "H5''" sing N N 122 
DT "C4'" "O4'"  sing N N 123 
DT "C4'" "C3'"  sing N N 124 
DT "C4'" "H4'"  sing N N 125 
DT "O4'" "C1'"  sing N N 126 
DT "C3'" "O3'"  sing N N 127 
DT "C3'" "C2'"  sing N N 128 
DT "C3'" "H3'"  sing N N 129 
DT "O3'" "HO3'" sing N N 130 
DT "C2'" "C1'"  sing N N 131 
DT "C2'" "H2'"  sing N N 132 
DT "C2'" "H2''" sing N N 133 
DT "C1'" N1     sing N N 134 
DT "C1'" "H1'"  sing N N 135 
DT N1    C2     sing N N 136 
DT N1    C6     sing N N 137 
DT C2    O2     doub N N 138 
DT C2    N3     sing N N 139 
DT N3    C4     sing N N 140 
DT N3    H3     sing N N 141 
DT C4    O4     doub N N 142 
DT C4    C5     sing N N 143 
DT C5    C7     sing N N 144 
DT C5    C6     doub N N 145 
DT C7    H71    sing N N 146 
DT C7    H72    sing N N 147 
DT C7    H73    sing N N 148 
DT C6    H6     sing N N 149 
# 
_ndb_struct_conf_na.entry_id   1D20 
_ndb_struct_conf_na.feature    'b-form double helix' 
# 
loop_
_ndb_struct_na_base_pair.model_number 
_ndb_struct_na_base_pair.i_label_asym_id 
_ndb_struct_na_base_pair.i_label_comp_id 
_ndb_struct_na_base_pair.i_label_seq_id 
_ndb_struct_na_base_pair.i_symmetry 
_ndb_struct_na_base_pair.j_label_asym_id 
_ndb_struct_na_base_pair.j_label_comp_id 
_ndb_struct_na_base_pair.j_label_seq_id 
_ndb_struct_na_base_pair.j_symmetry 
_ndb_struct_na_base_pair.shear 
_ndb_struct_na_base_pair.stretch 
_ndb_struct_na_base_pair.stagger 
_ndb_struct_na_base_pair.buckle 
_ndb_struct_na_base_pair.propeller 
_ndb_struct_na_base_pair.opening 
_ndb_struct_na_base_pair.pair_number 
_ndb_struct_na_base_pair.pair_name 
_ndb_struct_na_base_pair.i_auth_asym_id 
_ndb_struct_na_base_pair.i_auth_seq_id 
_ndb_struct_na_base_pair.i_PDB_ins_code 
_ndb_struct_na_base_pair.j_auth_asym_id 
_ndb_struct_na_base_pair.j_auth_seq_id 
_ndb_struct_na_base_pair.j_PDB_ins_code 
_ndb_struct_na_base_pair.hbond_type_28 
_ndb_struct_na_base_pair.hbond_type_12 
1 A DT 1  1_555 B DA 10 1_555 -0.266 -0.063 0.346  13.072  -21.671 -8.703 1  A_DT1:DA20_B  A 1  ? B 20 ? 20 1 
1 A DC 2  1_555 B DG 9  1_555 0.334  -0.177 0.225  -0.424  -23.112 -4.202 2  A_DC2:DG19_B  A 2  ? B 19 ? 19 1 
1 A DT 3  1_555 B DA 8  1_555 -0.204 -0.027 0.414  -10.872 -17.338 -5.979 3  A_DT3:DA18_B  A 3  ? B 18 ? 20 1 
1 A DA 4  1_555 B DT 7  1_555 0.032  -0.073 0.469  -4.735  -10.218 -6.930 4  A_DA4:DT17_B  A 4  ? B 17 ? 20 1 
1 A DT 5  1_555 B DA 6  1_555 0.102  -0.089 0.489  -3.372  -9.871  -5.845 5  A_DT5:DA16_B  A 5  ? B 16 ? 20 1 
1 A DC 6  1_555 B DG 5  1_555 0.584  -0.180 -0.055 -0.329  -13.032 -3.140 6  A_DC6:DG15_B  A 6  ? B 15 ? 19 1 
1 A DA 7  1_555 B DT 4  1_555 -0.262 -0.106 0.009  -7.646  -12.637 -5.140 7  A_DA7:DT14_B  A 7  ? B 14 ? 20 1 
1 A DC 8  1_555 B DG 3  1_555 0.414  -0.147 0.058  0.713   -10.582 -5.668 8  A_DC8:DG13_B  A 8  ? B 13 ? 19 1 
1 A DC 9  1_555 B DG 2  1_555 0.555  -0.189 -0.047 -2.136  -16.843 -2.143 9  A_DC9:DG12_B  A 9  ? B 12 ? 19 1 
1 A DG 10 1_555 B DC 1  1_555 -0.131 -0.080 0.033  -12.043 -10.833 -5.072 10 A_DG10:DC11_B A 10 ? B 11 ? 19 1 
# 
loop_
_ndb_struct_na_base_pair_step.model_number 
_ndb_struct_na_base_pair_step.i_label_asym_id_1 
_ndb_struct_na_base_pair_step.i_label_comp_id_1 
_ndb_struct_na_base_pair_step.i_label_seq_id_1 
_ndb_struct_na_base_pair_step.i_symmetry_1 
_ndb_struct_na_base_pair_step.j_label_asym_id_1 
_ndb_struct_na_base_pair_step.j_label_comp_id_1 
_ndb_struct_na_base_pair_step.j_label_seq_id_1 
_ndb_struct_na_base_pair_step.j_symmetry_1 
_ndb_struct_na_base_pair_step.i_label_asym_id_2 
_ndb_struct_na_base_pair_step.i_label_comp_id_2 
_ndb_struct_na_base_pair_step.i_label_seq_id_2 
_ndb_struct_na_base_pair_step.i_symmetry_2 
_ndb_struct_na_base_pair_step.j_label_asym_id_2 
_ndb_struct_na_base_pair_step.j_label_comp_id_2 
_ndb_struct_na_base_pair_step.j_label_seq_id_2 
_ndb_struct_na_base_pair_step.j_symmetry_2 
_ndb_struct_na_base_pair_step.shift 
_ndb_struct_na_base_pair_step.slide 
_ndb_struct_na_base_pair_step.rise 
_ndb_struct_na_base_pair_step.tilt 
_ndb_struct_na_base_pair_step.roll 
_ndb_struct_na_base_pair_step.twist 
_ndb_struct_na_base_pair_step.x_displacement 
_ndb_struct_na_base_pair_step.y_displacement 
_ndb_struct_na_base_pair_step.helical_rise 
_ndb_struct_na_base_pair_step.inclination 
_ndb_struct_na_base_pair_step.tip 
_ndb_struct_na_base_pair_step.helical_twist 
_ndb_struct_na_base_pair_step.step_number 
_ndb_struct_na_base_pair_step.step_name 
_ndb_struct_na_base_pair_step.i_auth_asym_id_1 
_ndb_struct_na_base_pair_step.i_auth_seq_id_1 
_ndb_struct_na_base_pair_step.i_PDB_ins_code_1 
_ndb_struct_na_base_pair_step.j_auth_asym_id_1 
_ndb_struct_na_base_pair_step.j_auth_seq_id_1 
_ndb_struct_na_base_pair_step.j_PDB_ins_code_1 
_ndb_struct_na_base_pair_step.i_auth_asym_id_2 
_ndb_struct_na_base_pair_step.i_auth_seq_id_2 
_ndb_struct_na_base_pair_step.i_PDB_ins_code_2 
_ndb_struct_na_base_pair_step.j_auth_asym_id_2 
_ndb_struct_na_base_pair_step.j_auth_seq_id_2 
_ndb_struct_na_base_pair_step.j_PDB_ins_code_2 
1 A DT 1 1_555 B DA 10 1_555 A DC 2  1_555 B DG 9 1_555 -0.048 -0.334 3.499 2.849  1.284  43.141 -0.588 0.362  3.478 1.744  -3.869 
43.248 1 AA_DT1DC2:DG19DA20_BB  A 1 ? B 20 ? A 2  ? B 19 ? 
1 A DC 2 1_555 B DG 9  1_555 A DT 3  1_555 B DA 8 1_555 -0.188 -0.118 3.457 -1.522 2.300  31.683 -0.659 0.050  3.445 4.202  2.781  
31.800 2 AA_DC2DT3:DA18DG19_BB  A 2 ? B 19 ? A 3  ? B 18 ? 
1 A DT 3 1_555 B DA 8  1_555 A DA 4  1_555 B DT 7 1_555 0.086  0.654  3.078 -1.696 1.019  39.946 0.847  -0.310 3.087 1.490  2.481  
39.993 3 AA_DT3DA4:DT17DA18_BB  A 3 ? B 18 ? A 4  ? B 17 ? 
1 A DA 4 1_555 B DT 7  1_555 A DT 5  1_555 B DA 6 1_555 0.027  -0.263 3.283 -0.403 -2.070 33.192 -0.111 -0.115 3.292 -3.619 0.704  
33.257 4 AA_DA4DT5:DA16DT17_BB  A 4 ? B 17 ? A 5  ? B 16 ? 
1 A DT 5 1_555 B DA 6  1_555 A DC 6  1_555 B DG 5 1_555 0.111  -0.165 3.129 4.649  -1.277 39.541 -0.100 0.354  3.126 -1.879 -6.841 
39.822 5 AA_DT5DC6:DG15DA16_BB  A 5 ? B 16 ? A 6  ? B 15 ? 
1 A DC 6 1_555 B DG 5  1_555 A DA 7  1_555 B DT 4 1_555 -0.044 -0.292 3.313 -0.385 13.527 30.180 -2.805 0.011  2.919 24.490 0.698  
33.011 6 AA_DC6DA7:DT14DG15_BB  A 6 ? B 15 ? A 7  ? B 14 ? 
1 A DA 7 1_555 B DT 4  1_555 A DC 8  1_555 B DG 3 1_555 -0.408 -0.117 3.037 -0.583 -0.358 36.069 -0.141 0.582  3.044 -0.578 0.941  
36.075 7 AA_DA7DC8:DG13DT14_BB  A 7 ? B 14 ? A 8  ? B 13 ? 
1 A DC 8 1_555 B DG 3  1_555 A DC 9  1_555 B DG 2 1_555 0.765  -0.653 3.204 4.921  3.294  36.073 -1.490 -0.551 3.207 5.276  -7.881 
36.540 8 AA_DC8DC9:DG12DG13_BB  A 8 ? B 13 ? A 9  ? B 12 ? 
1 A DC 9 1_555 B DG 2  1_555 A DG 10 1_555 B DC 1 1_555 -0.015 -0.580 3.320 -0.239 14.355 31.656 -3.136 -0.012 2.804 24.783 0.413  
34.684 9 AA_DC9DG10:DC11DG12_BB A 9 ? B 12 ? A 10 ? B 11 ? 
# 
_atom_sites.entry_id                    1D20 
_atom_sites.fract_transf_matrix[1][1]   1.000000 
_atom_sites.fract_transf_matrix[1][2]   0.000000 
_atom_sites.fract_transf_matrix[1][3]   0.000000 
_atom_sites.fract_transf_matrix[2][1]   0.000000 
_atom_sites.fract_transf_matrix[2][2]   1.000000 
_atom_sites.fract_transf_matrix[2][3]   0.000000 
_atom_sites.fract_transf_matrix[3][1]   0.000000 
_atom_sites.fract_transf_matrix[3][2]   0.000000 
_atom_sites.fract_transf_matrix[3][3]   1.000000 
_atom_sites.fract_transf_vector[1]      0.00000 
_atom_sites.fract_transf_vector[2]      0.00000 
_atom_sites.fract_transf_vector[3]      0.00000 
# 
loop_
_atom_type.symbol 
C 
H 
N 
O 
P 
# 
loop_
_atom_site.group_PDB 
_atom_site.id 
_atom_site.type_symbol 
_atom_site.label_atom_id 
_atom_site.label_alt_id 
_atom_site.label_comp_id 
_atom_site.label_asym_id 
_atom_site.label_entity_id 
_atom_site.label_seq_id 
_atom_site.pdbx_PDB_ins_code 
_atom_site.Cartn_x 
_atom_site.Cartn_y 
_atom_site.Cartn_z 
_atom_site.occupancy 
_atom_site.B_iso_or_equiv 
_atom_site.pdbx_formal_charge 
_atom_site.auth_seq_id 
_atom_site.auth_comp_id 
_atom_site.auth_asym_id 
_atom_site.auth_atom_id 
_atom_site.pdbx_PDB_model_num 
ATOM 1   O "O5'"  . DT A 1 1  ? 7.578   5.129   13.286  1.00 0.00 ? 1  DT A "O5'"  1 
ATOM 2   C "C5'"  . DT A 1 1  ? 7.374   5.040   14.699  1.00 0.00 ? 1  DT A "C5'"  1 
ATOM 3   C "C4'"  . DT A 1 1  ? 5.892   5.001   15.064  1.00 0.00 ? 1  DT A "C4'"  1 
ATOM 4   O "O4'"  . DT A 1 1  ? 5.242   6.207   14.575  1.00 0.00 ? 1  DT A "O4'"  1 
ATOM 5   C "C3'"  . DT A 1 1  ? 5.176   3.828   14.419  1.00 0.00 ? 1  DT A "C3'"  1 
ATOM 6   O "O3'"  . DT A 1 1  ? 4.260   3.224   15.360  1.00 0.00 ? 1  DT A "O3'"  1 
ATOM 7   C "C2'"  . DT A 1 1  ? 4.450   4.450   13.241  1.00 0.00 ? 1  DT A "C2'"  1 
ATOM 8   C "C1'"  . DT A 1 1  ? 4.122   5.823   13.753  1.00 0.00 ? 1  DT A "C1'"  1 
ATOM 9   N N1     . DT A 1 1  ? 3.965   6.787   12.625  1.00 0.00 ? 1  DT A N1     1 
ATOM 10  C C2     . DT A 1 1  ? 2.738   7.402   12.377  1.00 0.00 ? 1  DT A C2     1 
ATOM 11  O O2     . DT A 1 1  ? 1.698   7.015   12.915  1.00 0.00 ? 1  DT A O2     1 
ATOM 12  N N3     . DT A 1 1  ? 2.652   8.388   11.399  1.00 0.00 ? 1  DT A N3     1 
ATOM 13  C C4     . DT A 1 1  ? 3.757   8.744   10.631  1.00 0.00 ? 1  DT A C4     1 
ATOM 14  O O4     . DT A 1 1  ? 3.625   9.629   9.785   1.00 0.00 ? 1  DT A O4     1 
ATOM 15  C C5     . DT A 1 1  ? 4.977   8.109   10.844  1.00 0.00 ? 1  DT A C5     1 
ATOM 16  C C7     . DT A 1 1  ? 6.200   8.387   9.977   1.00 0.00 ? 1  DT A C7     1 
ATOM 17  C C6     . DT A 1 1  ? 5.076   7.151   11.834  1.00 0.00 ? 1  DT A C6     1 
ATOM 18  H "H5'"  . DT A 1 1  ? 7.828   5.896   15.180  1.00 0.90 ? 1  DT A "H5'"  1 
ATOM 19  H "H5''" . DT A 1 1  ? 7.837   4.146   15.075  1.00 0.90 ? 1  DT A "H5''" 1 
ATOM 20  H "H4'"  . DT A 1 1  ? 5.780   4.925   16.130  1.00 0.90 ? 1  DT A "H4'"  1 
ATOM 21  H "H3'"  . DT A 1 1  ? 5.870   3.078   14.095  1.00 0.90 ? 1  DT A "H3'"  1 
ATOM 22  H "H2'"  . DT A 1 1  ? 5.064   4.536   12.354  1.00 0.81 ? 1  DT A "H2'"  1 
ATOM 23  H "H2''" . DT A 1 1  ? 3.527   3.937   13.005  1.00 0.81 ? 1  DT A "H2''" 1 
ATOM 24  H "H1'"  . DT A 1 1  ? 3.214   5.834   14.338  1.00 0.95 ? 1  DT A "H1'"  1 
ATOM 25  H H3     . DT A 1 1  ? 1.814   8.850   11.269  1.00 0.00 ? 1  DT A H3     1 
ATOM 26  H H71    . DT A 1 1  ? 5.924   8.197   8.941   1.00 0.62 ? 1  DT A H71    1 
ATOM 27  H H72    . DT A 1 1  ? 6.490   9.423   10.120  1.00 0.62 ? 1  DT A H72    1 
ATOM 28  H H73    . DT A 1 1  ? 6.985   7.713   10.287  1.00 0.62 ? 1  DT A H73    1 
ATOM 29  H H6     . DT A 1 1  ? 6.006   6.608   11.964  1.00 0.95 ? 1  DT A H6     1 
ATOM 30  H "HO5'" . DT A 1 1  ? 6.786   5.473   12.866  1.00 0.00 ? 1  DT A "HO5'" 1 
ATOM 31  P P      . DC A 1 2  ? 3.450   1.860   15.036  1.00 0.00 ? 2  DC A P      1 
ATOM 32  O OP1    . DC A 1 2  ? 3.098   1.211   16.315  1.00 0.00 ? 2  DC A OP1    1 
ATOM 33  O OP2    . DC A 1 2  ? 4.184   1.080   14.014  1.00 0.00 ? 2  DC A OP2    1 
ATOM 34  O "O5'"  . DC A 1 2  ? 2.120   2.447   14.344  1.00 0.00 ? 2  DC A "O5'"  1 
ATOM 35  C "C5'"  . DC A 1 2  ? 1.120   3.126   15.119  1.00 0.00 ? 2  DC A "C5'"  1 
ATOM 36  C "C4'"  . DC A 1 2  ? -0.102  3.436   14.268  1.00 0.00 ? 2  DC A "C4'"  1 
ATOM 37  O "O4'"  . DC A 1 2  ? 0.283   4.323   13.198  1.00 0.00 ? 2  DC A "O4'"  1 
ATOM 38  C "C3'"  . DC A 1 2  ? -0.668  2.172   13.627  1.00 0.00 ? 2  DC A "C3'"  1 
ATOM 39  O "O3'"  . DC A 1 2  ? -2.064  2.053   13.968  1.00 0.00 ? 2  DC A "O3'"  1 
ATOM 40  C "C2'"  . DC A 1 2  ? -0.411  2.345   12.149  1.00 0.00 ? 2  DC A "C2'"  1 
ATOM 41  C "C1'"  . DC A 1 2  ? -0.338  3.861   11.994  1.00 0.00 ? 2  DC A "C1'"  1 
ATOM 42  N N1     . DC A 1 2  ? 0.497   4.328   10.859  1.00 0.00 ? 2  DC A N1     1 
ATOM 43  C C2     . DC A 1 2  ? 0.044   5.377   10.055  1.00 0.00 ? 2  DC A C2     1 
ATOM 44  O O2     . DC A 1 2  ? -1.154  5.659   9.995   1.00 0.00 ? 2  DC A O2     1 
ATOM 45  N N3     . DC A 1 2  ? 0.893   6.018   9.245   1.00 0.00 ? 2  DC A N3     1 
ATOM 46  C C4     . DC A 1 2  ? 2.182   5.683   9.133   1.00 0.00 ? 2  DC A C4     1 
ATOM 47  N N4     . DC A 1 2  ? 3.000   6.420   8.388   1.00 0.00 ? 2  DC A N4     1 
ATOM 48  C C5     . DC A 1 2  ? 2.675   4.615   9.861   1.00 0.00 ? 2  DC A C5     1 
ATOM 49  C C6     . DC A 1 2  ? 1.841   3.931   10.724  1.00 0.00 ? 2  DC A C6     1 
ATOM 50  H "H5'"  . DC A 1 2  ? 1.520   4.053   15.493  1.00 1.00 ? 2  DC A "H5'"  1 
ATOM 51  H "H5''" . DC A 1 2  ? 0.816   2.508   15.951  1.00 1.00 ? 2  DC A "H5''" 1 
ATOM 52  H "H4'"  . DC A 1 2  ? -0.858  3.908   14.868  1.00 1.00 ? 2  DC A "H4'"  1 
ATOM 53  H "H3'"  . DC A 1 2  ? -0.158  1.288   13.984  1.00 1.00 ? 2  DC A "H3'"  1 
ATOM 54  H "H2'"  . DC A 1 2  ? 0.513   1.897   11.825  1.00 0.85 ? 2  DC A "H2'"  1 
ATOM 55  H "H2''" . DC A 1 2  ? -1.220  1.964   11.543  1.00 0.85 ? 2  DC A "H2''" 1 
ATOM 56  H "H1'"  . DC A 1 2  ? -1.324  4.292   11.897  1.00 1.00 ? 2  DC A "H1'"  1 
ATOM 57  H H41    . DC A 1 2  ? 2.658   7.193   7.931   1.00 0.00 ? 2  DC A H41    1 
ATOM 58  H H42    . DC A 1 2  ? 3.923   6.180   8.315   1.00 0.00 ? 2  DC A H42    1 
ATOM 59  H H5     . DC A 1 2  ? 3.728   4.367   9.835   1.00 1.00 ? 2  DC A H5     1 
ATOM 60  H H6     . DC A 1 2  ? 2.270   3.242   11.427  1.00 1.00 ? 2  DC A H6     1 
ATOM 61  P P      . DT A 1 3  ? -2.997  0.829   13.477  1.00 0.00 ? 3  DT A P      1 
ATOM 62  O OP1    . DT A 1 3  ? -4.110  0.675   14.436  1.00 0.00 ? 3  DT A OP1    1 
ATOM 63  O OP2    . DT A 1 3  ? -2.145  -0.346  13.164  1.00 0.00 ? 3  DT A OP2    1 
ATOM 64  O "O5'"  . DT A 1 3  ? -3.546  1.429   12.098  1.00 0.00 ? 3  DT A "O5'"  1 
ATOM 65  C "C5'"  . DT A 1 3  ? -4.400  2.584   12.099  1.00 0.00 ? 3  DT A "C5'"  1 
ATOM 66  C "C4'"  . DT A 1 3  ? -4.673  3.045   10.681  1.00 0.00 ? 3  DT A "C4'"  1 
ATOM 67  O "O4'"  . DT A 1 3  ? -3.451  3.438   10.028  1.00 0.00 ? 3  DT A "O4'"  1 
ATOM 68  C "C3'"  . DT A 1 3  ? -5.298  1.931   9.858   1.00 0.00 ? 3  DT A "C3'"  1 
ATOM 69  O "O3'"  . DT A 1 3  ? -6.664  2.273   9.539   1.00 0.00 ? 3  DT A "O3'"  1 
ATOM 70  C "C2'"  . DT A 1 3  ? -4.416  1.841   8.621   1.00 0.00 ? 3  DT A "C2'"  1 
ATOM 71  C "C1'"  . DT A 1 3  ? -3.662  3.150   8.634   1.00 0.00 ? 3  DT A "C1'"  1 
ATOM 72  N N1     . DT A 1 3  ? -2.347  3.087   7.928   1.00 0.00 ? 3  DT A N1     1 
ATOM 73  C C2     . DT A 1 3  ? -2.059  4.036   6.945   1.00 0.00 ? 3  DT A C2     1 
ATOM 74  O O2     . DT A 1 3  ? -2.956  4.610   6.333   1.00 0.00 ? 3  DT A O2     1 
ATOM 75  N N3     . DT A 1 3  ? -0.751  4.197   6.508   1.00 0.00 ? 3  DT A N3     1 
ATOM 76  C C4     . DT A 1 3  ? 0.280   3.391   6.994   1.00 0.00 ? 3  DT A C4     1 
ATOM 77  O O4     . DT A 1 3  ? 1.436   3.630   6.646   1.00 0.00 ? 3  DT A O4     1 
ATOM 78  C C5     . DT A 1 3  ? -0.015  2.399   7.918   1.00 0.00 ? 3  DT A C5     1 
ATOM 79  C C7     . DT A 1 3  ? 1.018   1.361   8.363   1.00 0.00 ? 3  DT A C7     1 
ATOM 80  C C6     . DT A 1 3  ? -1.316  2.258   8.390   1.00 0.00 ? 3  DT A C6     1 
ATOM 81  H "H5'"  . DT A 1 3  ? -3.928  3.379   12.645  1.00 1.00 ? 3  DT A "H5'"  1 
ATOM 82  H "H5''" . DT A 1 3  ? -5.336  2.342   12.578  1.00 1.00 ? 3  DT A "H5''" 1 
ATOM 83  H "H4'"  . DT A 1 3  ? -5.349  3.892   10.700  1.00 1.00 ? 3  DT A "H4'"  1 
ATOM 84  H "H3'"  . DT A 1 3  ? -5.296  0.989   10.380  1.00 1.00 ? 3  DT A "H3'"  1 
ATOM 85  H "H2'"  . DT A 1 3  ? -3.719  1.012   8.672   1.00 0.85 ? 3  DT A "H2'"  1 
ATOM 86  H "H2''" . DT A 1 3  ? -5.002  1.797   7.719   1.00 0.85 ? 3  DT A "H2''" 1 
ATOM 87  H "H1'"  . DT A 1 3  ? -4.237  3.943   8.190   1.00 1.00 ? 3  DT A "H1'"  1 
ATOM 88  H H3     . DT A 1 3  ? -0.547  4.878   5.858   1.00 0.00 ? 3  DT A H3     1 
ATOM 89  H H71    . DT A 1 3  ? 1.433   0.902   7.482   1.00 0.65 ? 3  DT A H71    1 
ATOM 90  H H72    . DT A 1 3  ? 1.776   1.882   8.928   1.00 0.65 ? 3  DT A H72    1 
ATOM 91  H H73    . DT A 1 3  ? 0.487   0.644   8.980   1.00 0.65 ? 3  DT A H73    1 
ATOM 92  H H6     . DT A 1 3  ? -1.504  1.459   9.095   1.00 1.00 ? 3  DT A H6     1 
ATOM 93  P P      . DA A 1 4  ? -7.651  1.303   8.716   1.00 0.00 ? 4  DA A P      1 
ATOM 94  O OP1    . DA A 1 4  ? -9.041  1.537   9.193   1.00 0.00 ? 4  DA A OP1    1 
ATOM 95  O OP2    . DA A 1 4  ? -7.130  -0.082  8.714   1.00 0.00 ? 4  DA A OP2    1 
ATOM 96  O "O5'"  . DA A 1 4  ? -7.498  1.898   7.228   1.00 0.00 ? 4  DA A "O5'"  1 
ATOM 97  C "C5'"  . DA A 1 4  ? -7.967  3.232   6.940   1.00 0.00 ? 4  DA A "C5'"  1 
ATOM 98  C "C4'"  . DA A 1 4  ? -7.550  3.670   5.542   1.00 0.00 ? 4  DA A "C4'"  1 
ATOM 99  O "O4'"  . DA A 1 4  ? -6.114  3.571   5.430   1.00 0.00 ? 4  DA A "O4'"  1 
ATOM 100 C "C3'"  . DA A 1 4  ? -8.151  2.785   4.475   1.00 0.00 ? 4  DA A "C3'"  1 
ATOM 101 O "O3'"  . DA A 1 4  ? -8.933  3.602   3.574   1.00 0.00 ? 4  DA A "O3'"  1 
ATOM 102 C "C2'"  . DA A 1 4  ? -6.974  2.119   3.815   1.00 0.00 ? 4  DA A "C2'"  1 
ATOM 103 C "C1'"  . DA A 1 4  ? -5.826  3.052   4.128   1.00 0.00 ? 4  DA A "C1'"  1 
ATOM 104 N N9     . DA A 1 4  ? -4.507  2.377   4.182   1.00 0.00 ? 4  DA A N9     1 
ATOM 105 C C8     . DA A 1 4  ? -4.156  1.331   4.940   1.00 0.00 ? 4  DA A C8     1 
ATOM 106 N N7     . DA A 1 4  ? -2.836  1.172   4.923   1.00 0.00 ? 4  DA A N7     1 
ATOM 107 C C5     . DA A 1 4  ? -2.338  2.104   4.116   1.00 0.00 ? 4  DA A C5     1 
ATOM 108 C C6     . DA A 1 4  ? -1.054  2.429   3.715   1.00 0.00 ? 4  DA A C6     1 
ATOM 109 N N6     . DA A 1 4  ? -0.015  1.779   4.227   1.00 0.00 ? 4  DA A N6     1 
ATOM 110 N N1     . DA A 1 4  ? -0.872  3.445   2.874   1.00 0.00 ? 4  DA A N1     1 
ATOM 111 C C2     . DA A 1 4  ? -1.909  4.141   2.435   1.00 0.00 ? 4  DA A C2     1 
ATOM 112 N N3     . DA A 1 4  ? -3.152  3.875   2.795   1.00 0.00 ? 4  DA A N3     1 
ATOM 113 C C4     . DA A 1 4  ? -3.396  2.860   3.642   1.00 0.00 ? 4  DA A C4     1 
ATOM 114 H "H5'"  . DA A 1 4  ? -7.551  3.916   7.671   1.00 1.00 ? 4  DA A "H5'"  1 
ATOM 115 H "H5''" . DA A 1 4  ? -9.040  3.254   7.000   1.00 1.00 ? 4  DA A "H5''" 1 
ATOM 116 H "H4'"  . DA A 1 4  ? -7.859  4.693   5.382   1.00 1.00 ? 4  DA A "H4'"  1 
ATOM 117 H "H3'"  . DA A 1 4  ? -8.787  2.027   4.892   1.00 1.00 ? 4  DA A "H3'"  1 
ATOM 118 H "H2'"  . DA A 1 4  ? -6.787  1.132   4.219   1.00 0.85 ? 4  DA A "H2'"  1 
ATOM 119 H "H2''" . DA A 1 4  ? -7.092  2.042   2.744   1.00 0.85 ? 4  DA A "H2''" 1 
ATOM 120 H "H1'"  . DA A 1 4  ? -5.771  3.859   3.406   1.00 1.00 ? 4  DA A "H1'"  1 
ATOM 121 H H8     . DA A 1 4  ? -4.837  0.634   5.390   1.00 1.00 ? 4  DA A H8     1 
ATOM 122 H H61    . DA A 1 4  ? 0.886   2.033   3.977   1.00 0.00 ? 4  DA A H61    1 
ATOM 123 H H62    . DA A 1 4  ? -0.143  1.079   4.864   1.00 0.00 ? 4  DA A H62    1 
ATOM 124 H H2     . DA A 1 4  ? -1.735  4.968   1.758   1.00 1.00 ? 4  DA A H2     1 
ATOM 125 P P      . DT A 1 5  ? -9.646  3.070   2.225   1.00 0.00 ? 5  DT A P      1 
ATOM 126 O OP1    . DT A 1 5  ? -10.836 3.906   1.965   1.00 0.00 ? 5  DT A OP1    1 
ATOM 127 O OP2    . DT A 1 5  ? -9.802  1.601   2.292   1.00 0.00 ? 5  DT A OP2    1 
ATOM 128 O "O5'"  . DT A 1 5  ? -8.505  3.403   1.141   1.00 0.00 ? 5  DT A "O5'"  1 
ATOM 129 C "C5'"  . DT A 1 5  ? -8.107  4.775   0.924   1.00 0.00 ? 5  DT A "C5'"  1 
ATOM 130 C "C4'"  . DT A 1 5  ? -6.898  4.859   0.009   1.00 0.00 ? 5  DT A "C4'"  1 
ATOM 131 O "O4'"  . DT A 1 5  ? -5.814  4.090   0.562   1.00 0.00 ? 5  DT A "O4'"  1 
ATOM 132 C "C3'"  . DT A 1 5  ? -7.204  4.286   -1.373  1.00 0.00 ? 5  DT A "C3'"  1 
ATOM 133 O "O3'"  . DT A 1 5  ? -6.986  5.312   -2.365  1.00 0.00 ? 5  DT A "O3'"  1 
ATOM 134 C "C2'"  . DT A 1 5  ? -6.269  3.113   -1.512  1.00 0.00 ? 5  DT A "C2'"  1 
ATOM 135 C "C1'"  . DT A 1 5  ? -5.151  3.464   -0.555  1.00 0.00 ? 5  DT A "C1'"  1 
ATOM 136 N N1     . DT A 1 5  ? -4.366  2.296   -0.097  1.00 0.00 ? 5  DT A N1     1 
ATOM 137 C C2     . DT A 1 5  ? -2.969  2.316   -0.226  1.00 0.00 ? 5  DT A C2     1 
ATOM 138 O O2     . DT A 1 5  ? -2.397  3.128   -0.953  1.00 0.00 ? 5  DT A O2     1 
ATOM 139 N N3     . DT A 1 5  ? -2.196  1.345   0.416   1.00 0.00 ? 5  DT A N3     1 
ATOM 140 C C4     . DT A 1 5  ? -2.790  0.338   1.168   1.00 0.00 ? 5  DT A C4     1 
ATOM 141 O O4     . DT A 1 5  ? -2.073  -0.431  1.806   1.00 0.00 ? 5  DT A O4     1 
ATOM 142 C C5     . DT A 1 5  ? -4.174  0.290   1.270   1.00 0.00 ? 5  DT A C5     1 
ATOM 143 C C7     . DT A 1 5  ? -4.918  -0.853  1.960   1.00 0.00 ? 5  DT A C7     1 
ATOM 144 C C6     . DT A 1 5  ? -4.953  1.254   0.651   1.00 0.00 ? 5  DT A C6     1 
ATOM 145 H "H5'"  . DT A 1 5  ? -7.864  5.225   1.873   1.00 1.00 ? 5  DT A "H5'"  1 
ATOM 146 H "H5''" . DT A 1 5  ? -8.926  5.322   0.484   1.00 1.00 ? 5  DT A "H5''" 1 
ATOM 147 H "H4'"  . DT A 1 5  ? -6.600  5.885   -0.092  1.00 1.00 ? 5  DT A "H4'"  1 
ATOM 148 H "H3'"  . DT A 1 5  ? -8.228  3.939   -1.452  1.00 1.00 ? 5  DT A "H3'"  1 
ATOM 149 H "H2'"  . DT A 1 5  ? -6.728  2.183   -1.207  1.00 0.85 ? 5  DT A "H2'"  1 
ATOM 150 H "H2''" . DT A 1 5  ? -5.844  3.029   -2.511  1.00 0.85 ? 5  DT A "H2''" 1 
ATOM 151 H "H1'"  . DT A 1 5  ? -4.463  4.178   -1.007  1.00 1.00 ? 5  DT A "H1'"  1 
ATOM 152 H H3     . DT A 1 5  ? -1.241  1.380   0.346   1.00 0.00 ? 5  DT A H3     1 
ATOM 153 H H71    . DT A 1 5  ? -4.572  -1.779  1.519   1.00 0.65 ? 5  DT A H71    1 
ATOM 154 H H72    . DT A 1 5  ? -4.686  -0.812  3.012   1.00 0.65 ? 5  DT A H72    1 
ATOM 155 H H73    . DT A 1 5  ? -5.970  -0.683  1.771   1.00 0.65 ? 5  DT A H73    1 
ATOM 156 H H6     . DT A 1 5  ? -6.019  1.134   0.694   1.00 1.00 ? 5  DT A H6     1 
ATOM 157 P P      . DC A 1 6  ? -7.200  5.108   -3.946  1.00 0.00 ? 6  DC A P      1 
ATOM 158 O OP1    . DC A 1 6  ? -7.654  6.384   -4.540  1.00 0.00 ? 6  DC A OP1    1 
ATOM 159 O OP2    . DC A 1 6  ? -8.004  3.883   -4.189  1.00 0.00 ? 6  DC A OP2    1 
ATOM 160 O "O5'"  . DC A 1 6  ? -5.690  4.803   -4.417  1.00 0.00 ? 6  DC A "O5'"  1 
ATOM 161 C "C5'"  . DC A 1 6  ? -4.689  5.839   -4.352  1.00 0.00 ? 6  DC A "C5'"  1 
ATOM 162 C "C4'"  . DC A 1 6  ? -3.328  5.309   -4.736  1.00 0.00 ? 6  DC A "C4'"  1 
ATOM 163 O "O4'"  . DC A 1 6  ? -2.993  4.209   -3.872  1.00 0.00 ? 6  DC A "O4'"  1 
ATOM 164 C "C3'"  . DC A 1 6  ? -3.322  4.794   -6.165  1.00 0.00 ? 6  DC A "C3'"  1 
ATOM 165 O "O3'"  . DC A 1 6  ? -2.347  5.499   -6.956  1.00 0.00 ? 6  DC A "O3'"  1 
ATOM 166 C "C2'"  . DC A 1 6  ? -2.982  3.323   -6.032  1.00 0.00 ? 6  DC A "C2'"  1 
ATOM 167 C "C1'"  . DC A 1 6  ? -2.293  3.245   -4.678  1.00 0.00 ? 6  DC A "C1'"  1 
ATOM 168 N N1     . DC A 1 6  ? -2.406  1.915   -4.028  1.00 0.00 ? 6  DC A N1     1 
ATOM 169 C C2     . DC A 1 6  ? -1.275  1.332   -3.439  1.00 0.00 ? 6  DC A C2     1 
ATOM 170 O O2     . DC A 1 6  ? -0.141  1.740   -3.713  1.00 0.00 ? 6  DC A O2     1 
ATOM 171 N N3     . DC A 1 6  ? -1.400  0.246   -2.670  1.00 0.00 ? 6  DC A N3     1 
ATOM 172 C C4     . DC A 1 6  ? -2.574  -0.332  -2.434  1.00 0.00 ? 6  DC A C4     1 
ATOM 173 N N4     . DC A 1 6  ? -2.644  -1.369  -1.609  1.00 0.00 ? 6  DC A N4     1 
ATOM 174 C C5     . DC A 1 6  ? -3.733  0.177   -3.006  1.00 0.00 ? 6  DC A C5     1 
ATOM 175 C C6     . DC A 1 6  ? -3.656  1.309   -3.800  1.00 0.00 ? 6  DC A C6     1 
ATOM 176 H "H5'"  . DC A 1 6  ? -4.646  6.231   -3.348  1.00 1.00 ? 6  DC A "H5'"  1 
ATOM 177 H "H5''" . DC A 1 6  ? -4.965  6.639   -5.030  1.00 1.00 ? 6  DC A "H5''" 1 
ATOM 178 H "H4'"  . DC A 1 6  ? -2.580  6.082   -4.635  1.00 1.00 ? 6  DC A "H4'"  1 
ATOM 179 H "H3'"  . DC A 1 6  ? -4.281  4.878   -6.639  1.00 1.00 ? 6  DC A "H3'"  1 
ATOM 180 H "H2'"  . DC A 1 6  ? -3.871  2.696   -6.020  1.00 0.85 ? 6  DC A "H2'"  1 
ATOM 181 H "H2''" . DC A 1 6  ? -2.297  3.007   -6.810  1.00 0.85 ? 6  DC A "H2''" 1 
ATOM 182 H "H1'"  . DC A 1 6  ? -1.248  3.509   -4.739  1.00 1.00 ? 6  DC A "H1'"  1 
ATOM 183 H H41    . DC A 1 6  ? -1.846  -1.697  -1.190  1.00 0.00 ? 6  DC A H41    1 
ATOM 184 H H42    . DC A 1 6  ? -3.488  -1.791  -1.423  1.00 0.00 ? 6  DC A H42    1 
ATOM 185 H H5     . DC A 1 6  ? -4.697  -0.268  -2.781  1.00 1.00 ? 6  DC A H5     1 
ATOM 186 H H6     . DC A 1 6  ? -4.559  1.809   -4.131  1.00 1.00 ? 6  DC A H6     1 
ATOM 187 P P      . DA A 1 7  ? -2.150  5.269   -8.542  1.00 0.00 ? 7  DA A P      1 
ATOM 188 O OP1    . DA A 1 7  ? -1.623  6.517   -9.130  1.00 0.00 ? 7  DA A OP1    1 
ATOM 189 O OP2    . DA A 1 7  ? -3.374  4.670   -9.115  1.00 0.00 ? 7  DA A OP2    1 
ATOM 190 O "O5'"  . DA A 1 7  ? -0.996  4.144   -8.548  1.00 0.00 ? 7  DA A "O5'"  1 
ATOM 191 C "C5'"  . DA A 1 7  ? 0.354   4.489   -8.202  1.00 0.00 ? 7  DA A "C5'"  1 
ATOM 192 C "C4'"  . DA A 1 7  ? 1.247   3.261   -8.166  1.00 0.00 ? 7  DA A "C4'"  1 
ATOM 193 O "O4'"  . DA A 1 7  ? 0.792   2.345   -7.147  1.00 0.00 ? 7  DA A "O4'"  1 
ATOM 194 C "C3'"  . DA A 1 7  ? 1.238   2.514   -9.491  1.00 0.00 ? 7  DA A "C3'"  1 
ATOM 195 O "O3'"  . DA A 1 7  ? 2.573   2.494   -10.035 1.00 0.00 ? 7  DA A "O3'"  1 
ATOM 196 C "C2'"  . DA A 1 7  ? 0.746   1.128   -9.131  1.00 0.00 ? 7  DA A "C2'"  1 
ATOM 197 C "C1'"  . DA A 1 7  ? 1.041   1.023   -7.657  1.00 0.00 ? 7  DA A "C1'"  1 
ATOM 198 N N9     . DA A 1 7  ? 0.168   0.051   -6.962  1.00 0.00 ? 7  DA A N9     1 
ATOM 199 C C8     . DA A 1 7  ? -1.171  0.060   -6.914  1.00 0.00 ? 7  DA A C8     1 
ATOM 200 N N7     . DA A 1 7  ? -1.601  -0.845  -6.026  1.00 0.00 ? 7  DA A N7     1 
ATOM 201 C C5     . DA A 1 7  ? -0.522  -1.450  -5.529  1.00 0.00 ? 7  DA A C5     1 
ATOM 202 C C6     . DA A 1 7  ? -0.349  -2.487  -4.627  1.00 0.00 ? 7  DA A C6     1 
ATOM 203 N N6     . DA A 1 7  ? -1.393  -3.018  -4.003  1.00 0.00 ? 7  DA A N6     1 
ATOM 204 N N1     . DA A 1 7  ? 0.883   -2.923  -4.384  1.00 0.00 ? 7  DA A N1     1 
ATOM 205 C C2     . DA A 1 7  ? 1.930   -2.365  -4.975  1.00 0.00 ? 7  DA A C2     1 
ATOM 206 N N3     . DA A 1 7  ? 1.805   -1.366  -5.832  1.00 0.00 ? 7  DA A N3     1 
ATOM 207 C C4     . DA A 1 7  ? 0.594   -0.889  -6.132  1.00 0.00 ? 7  DA A C4     1 
ATOM 208 H "H5'"  . DA A 1 7  ? 0.359   4.954   -7.234  1.00 1.00 ? 7  DA A "H5'"  1 
ATOM 209 H "H5''" . DA A 1 7  ? 0.742   5.180   -8.930  1.00 1.00 ? 7  DA A "H5''" 1 
ATOM 210 H "H4'"  . DA A 1 7  ? 2.258   3.562   -7.937  1.00 1.00 ? 7  DA A "H4'"  1 
ATOM 211 H "H3'"  . DA A 1 7  ? 0.575   2.969   -10.203 1.00 1.00 ? 7  DA A "H3'"  1 
ATOM 212 H "H2'"  . DA A 1 7  ? -0.310  0.994   -9.316  1.00 0.85 ? 7  DA A "H2'"  1 
ATOM 213 H "H2''" . DA A 1 7  ? 1.295   0.368   -9.645  1.00 0.85 ? 7  DA A "H2''" 1 
ATOM 214 H "H1'"  . DA A 1 7  ? 2.072   0.739   -7.492  1.00 1.00 ? 7  DA A "H1'"  1 
ATOM 215 H H8     . DA A 1 7  ? -1.806  0.561   -7.622  1.00 1.00 ? 7  DA A H8     1 
ATOM 216 H H61    . DA A 1 7  ? -1.269  -3.731  -3.367  1.00 0.00 ? 7  DA A H61    1 
ATOM 217 H H62    . DA A 1 7  ? -2.277  -2.694  -4.181  1.00 0.00 ? 7  DA A H62    1 
ATOM 218 H H2     . DA A 1 7  ? 2.915   -2.729  -4.751  1.00 1.00 ? 7  DA A H2     1 
ATOM 219 P P      . DC A 1 8  ? 2.985   1.777   -11.428 1.00 0.00 ? 8  DC A P      1 
ATOM 220 O OP1    . DC A 1 8  ? 4.030   2.584   -12.088 1.00 0.00 ? 8  DC A OP1    1 
ATOM 221 O OP2    . DC A 1 8  ? 1.765   1.427   -12.196 1.00 0.00 ? 8  DC A OP2    1 
ATOM 222 O "O5'"  . DC A 1 8  ? 3.628   0.400   -10.884 1.00 0.00 ? 8  DC A "O5'"  1 
ATOM 223 C "C5'"  . DC A 1 8  ? 4.872   0.427   -10.168 1.00 0.00 ? 8  DC A "C5'"  1 
ATOM 224 C "C4'"  . DC A 1 8  ? 5.263   -0.964  -9.685  1.00 0.00 ? 8  DC A "C4'"  1 
ATOM 225 O "O4'"  . DC A 1 8  ? 4.201   -1.500  -8.869  1.00 0.00 ? 8  DC A "O4'"  1 
ATOM 226 C "C3'"  . DC A 1 8  ? 5.473   -1.939  -10.839 1.00 0.00 ? 8  DC A "C3'"  1 
ATOM 227 O "O3'"  . DC A 1 8  ? 6.736   -2.616  -10.673 1.00 0.00 ? 8  DC A "O3'"  1 
ATOM 228 C "C2'"  . DC A 1 8  ? 4.288   -2.871  -10.763 1.00 0.00 ? 8  DC A "C2'"  1 
ATOM 229 C "C1'"  . DC A 1 8  ? 3.969   -2.857  -9.288  1.00 0.00 ? 8  DC A "C1'"  1 
ATOM 230 N N1     . DC A 1 8  ? 2.563   -3.222  -8.943  1.00 0.00 ? 8  DC A N1     1 
ATOM 231 C C2     . DC A 1 8  ? 2.306   -4.126  -7.901  1.00 0.00 ? 8  DC A C2     1 
ATOM 232 O O2     . DC A 1 8  ? 3.234   -4.704  -7.317  1.00 0.00 ? 8  DC A O2     1 
ATOM 233 N N3     . DC A 1 8  ? 1.053   -4.371  -7.510  1.00 0.00 ? 8  DC A N3     1 
ATOM 234 C C4     . DC A 1 8  ? 0.008   -3.777  -8.086  1.00 0.00 ? 8  DC A C4     1 
ATOM 235 N N4     . DC A 1 8  ? -1.222  -4.004  -7.626  1.00 0.00 ? 8  DC A N4     1 
ATOM 236 C C5     . DC A 1 8  ? 0.189   -2.887  -9.131  1.00 0.00 ? 8  DC A C5     1 
ATOM 237 C C6     . DC A 1 8  ? 1.473   -2.617  -9.571  1.00 0.00 ? 8  DC A C6     1 
ATOM 238 H "H5'"  . DC A 1 8  ? 4.781   1.072   -9.316  1.00 1.00 ? 8  DC A "H5'"  1 
ATOM 239 H "H5''" . DC A 1 8  ? 5.649   0.798   -10.814 1.00 1.00 ? 8  DC A "H5''" 1 
ATOM 240 H "H4'"  . DC A 1 8  ? 6.172   -0.908  -9.101  1.00 1.00 ? 8  DC A "H4'"  1 
ATOM 241 H "H3'"  . DC A 1 8  ? 5.478   -1.431  -11.798 1.00 1.00 ? 8  DC A "H3'"  1 
ATOM 242 H "H2'"  . DC A 1 8  ? 3.437   -2.517  -11.338 1.00 0.85 ? 8  DC A "H2'"  1 
ATOM 243 H "H2''" . DC A 1 8  ? 4.529   -3.889  -11.023 1.00 0.85 ? 8  DC A "H2''" 1 
ATOM 244 H "H1'"  . DC A 1 8  ? 4.632   -3.517  -8.760  1.00 1.00 ? 8  DC A "H1'"  1 
ATOM 245 H H41    . DC A 1 8  ? -1.339  -4.601  -6.882  1.00 0.00 ? 8  DC A H41    1 
ATOM 246 H H42    . DC A 1 8  ? -1.980  -3.577  -8.019  1.00 0.00 ? 8  DC A H42    1 
ATOM 247 H H5     . DC A 1 8  ? -0.655  -2.376  -9.584  1.00 1.00 ? 8  DC A H5     1 
ATOM 248 H H6     . DC A 1 8  ? 1.612   -1.895  -10.354 1.00 1.00 ? 8  DC A H6     1 
ATOM 249 P P      . DC A 1 9  ? 7.263   -3.800  -11.642 1.00 0.00 ? 9  DC A P      1 
ATOM 250 O OP1    . DC A 1 9  ? 8.733   -3.857  -11.558 1.00 0.00 ? 9  DC A OP1    1 
ATOM 251 O OP2    . DC A 1 9  ? 6.620   -3.682  -12.969 1.00 0.00 ? 9  DC A OP2    1 
ATOM 252 O "O5'"  . DC A 1 9  ? 6.641   -5.090  -10.890 1.00 0.00 ? 9  DC A "O5'"  1 
ATOM 253 C "C5'"  . DC A 1 9  ? 7.072   -5.426  -9.570  1.00 0.00 ? 9  DC A "C5'"  1 
ATOM 254 C "C4'"  . DC A 1 9  ? 6.293   -6.618  -9.029  1.00 0.00 ? 9  DC A "C4'"  1 
ATOM 255 O "O4'"  . DC A 1 9  ? 4.881   -6.309  -8.968  1.00 0.00 ? 9  DC A "O4'"  1 
ATOM 256 C "C3'"  . DC A 1 9  ? 6.463   -7.842  -9.901  1.00 0.00 ? 9  DC A "C3'"  1 
ATOM 257 O "O3'"  . DC A 1 9  ? 7.118   -8.884  -9.155  1.00 0.00 ? 9  DC A "O3'"  1 
ATOM 258 C "C2'"  . DC A 1 9  ? 5.049   -8.222  -10.294 1.00 0.00 ? 9  DC A "C2'"  1 
ATOM 259 C "C1'"  . DC A 1 9  ? 4.219   -7.561  -9.225  1.00 0.00 ? 9  DC A "C1'"  1 
ATOM 260 N N1     . DC A 1 9  ? 2.804   -7.326  -9.600  1.00 0.00 ? 9  DC A N1     1 
ATOM 261 C C2     . DC A 1 9  ? 1.788   -7.775  -8.739  1.00 0.00 ? 9  DC A C2     1 
ATOM 262 O O2     . DC A 1 9  ? 2.017   -8.635  -7.894  1.00 0.00 ? 9  DC A O2     1 
ATOM 263 N N3     . DC A 1 9  ? 0.522   -7.397  -8.948  1.00 0.00 ? 9  DC A N3     1 
ATOM 264 C C4     . DC A 1 9  ? 0.166   -6.622  -9.975  1.00 0.00 ? 9  DC A C4     1 
ATOM 265 N N4     . DC A 1 9  ? -1.094  -6.207  -10.077 1.00 0.00 ? 9  DC A N4     1 
ATOM 266 C C5     . DC A 1 9  ? 1.121   -6.166  -10.877 1.00 0.00 ? 9  DC A C5     1 
ATOM 267 C C6     . DC A 1 9  ? 2.453   -6.524  -10.692 1.00 0.00 ? 9  DC A C6     1 
ATOM 268 H "H5'"  . DC A 1 9  ? 6.924   -4.582  -8.909  1.00 1.00 ? 9  DC A "H5'"  1 
ATOM 269 H "H5''" . DC A 1 9  ? 8.124   -5.685  -9.587  1.00 1.00 ? 9  DC A "H5''" 1 
ATOM 270 H "H4'"  . DC A 1 9  ? 6.626   -6.848  -8.027  1.00 1.00 ? 9  DC A "H4'"  1 
ATOM 271 H "H3'"  . DC A 1 9  ? 7.030   -7.624  -10.796 1.00 1.00 ? 9  DC A "H3'"  1 
ATOM 272 H "H2'"  . DC A 1 9  ? 4.766   -7.833  -11.268 1.00 0.85 ? 9  DC A "H2'"  1 
ATOM 273 H "H2''" . DC A 1 9  ? 4.866   -9.289  -10.195 1.00 0.85 ? 9  DC A "H2''" 1 
ATOM 274 H "H1'"  . DC A 1 9  ? 4.230   -8.179  -8.341  1.00 1.00 ? 9  DC A "H1'"  1 
ATOM 275 H H41    . DC A 1 9  ? -1.740  -6.484  -9.409  1.00 0.00 ? 9  DC A H41    1 
ATOM 276 H H42    . DC A 1 9  ? -1.367  -5.639  -10.797 1.00 0.00 ? 9  DC A H42    1 
ATOM 277 H H5     . DC A 1 9  ? 0.842   -5.491  -11.662 1.00 1.00 ? 9  DC A H5     1 
ATOM 278 H H6     . DC A 1 9  ? 3.222   -6.062  -11.294 1.00 1.00 ? 9  DC A H6     1 
ATOM 279 P P      . DG A 1 10 ? 7.635   -10.253 -9.827  1.00 0.00 ? 10 DG A P      1 
ATOM 280 O OP1    . DG A 1 10 ? 8.747   -10.781 -9.022  1.00 0.00 ? 10 DG A OP1    1 
ATOM 281 O OP2    . DG A 1 10 ? 7.843   -10.039 -11.282 1.00 0.00 ? 10 DG A OP2    1 
ATOM 282 O "O5'"  . DG A 1 10 ? 6.336   -11.189 -9.646  1.00 0.00 ? 10 DG A "O5'"  1 
ATOM 283 C "C5'"  . DG A 1 10 ? 6.064   -11.868 -8.413  1.00 0.00 ? 10 DG A "C5'"  1 
ATOM 284 C "C4'"  . DG A 1 10 ? 4.771   -12.655 -8.515  1.00 0.00 ? 10 DG A "C4'"  1 
ATOM 285 O "O4'"  . DG A 1 10 ? 3.644   -11.762 -8.620  1.00 0.00 ? 10 DG A "O4'"  1 
ATOM 286 C "C3'"  . DG A 1 10 ? 4.735   -13.553 -9.735  1.00 0.00 ? 10 DG A "C3'"  1 
ATOM 287 O "O3'"  . DG A 1 10 ? 4.997   -14.922 -9.392  1.00 0.00 ? 10 DG A "O3'"  1 
ATOM 288 C "C2'"  . DG A 1 10 ? 3.339   -13.400 -10.304 1.00 0.00 ? 10 DG A "C2'"  1 
ATOM 289 C "C1'"  . DG A 1 10 ? 2.629   -12.514 -9.308  1.00 0.00 ? 10 DG A "C1'"  1 
ATOM 290 N N9     . DG A 1 10 ? 1.712   -11.557 -9.971  1.00 0.00 ? 10 DG A N9     1 
ATOM 291 C C8     . DG A 1 10 ? 2.032   -10.629 -10.873 1.00 0.00 ? 10 DG A C8     1 
ATOM 292 N N7     . DG A 1 10 ? 0.962   -9.896  -11.172 1.00 0.00 ? 10 DG A N7     1 
ATOM 293 C C5     . DG A 1 10 ? -0.055  -10.378 -10.477 1.00 0.00 ? 10 DG A C5     1 
ATOM 294 C C6     . DG A 1 10 ? -1.400  -10.045 -10.403 1.00 0.00 ? 10 DG A C6     1 
ATOM 295 O O6     . DG A 1 10 ? -1.863  -9.156  -11.118 1.00 0.00 ? 10 DG A O6     1 
ATOM 296 N N1     . DG A 1 10 ? -2.237  -10.781 -9.566  1.00 0.00 ? 10 DG A N1     1 
ATOM 297 C C2     . DG A 1 10 ? -1.697  -11.835 -8.820  1.00 0.00 ? 10 DG A C2     1 
ATOM 298 N N2     . DG A 1 10 ? -2.486  -12.537 -8.007  1.00 0.00 ? 10 DG A N2     1 
ATOM 299 N N3     . DG A 1 10 ? -0.401  -12.144 -8.913  1.00 0.00 ? 10 DG A N3     1 
ATOM 300 C C4     . DG A 1 10 ? 0.414   -11.444 -9.711  1.00 0.00 ? 10 DG A C4     1 
ATOM 301 H "H5'"  . DG A 1 10 ? 5.970   -11.147 -7.617  1.00 0.95 ? 10 DG A "H5'"  1 
ATOM 302 H "H5''" . DG A 1 10 ? 6.870   -12.548 -8.179  1.00 0.95 ? 10 DG A "H5''" 1 
ATOM 303 H "H4'"  . DG A 1 10 ? 4.658   -13.268 -7.638  1.00 0.95 ? 10 DG A "H4'"  1 
ATOM 304 H "H3'"  . DG A 1 10 ? 5.490   -13.251 -10.453 1.00 0.95 ? 10 DG A "H3'"  1 
ATOM 305 H "HO3'" . DG A 1 10 ? 4.940   -15.202 -8.473  1.00 0.00 ? 10 DG A "HO3'" 1 
ATOM 306 H "H2'"  . DG A 1 10 ? 3.309   -12.963 -11.285 1.00 0.77 ? 10 DG A "H2'"  1 
ATOM 307 H "H2''" . DG A 1 10 ? 2.792   -14.320 -10.344 1.00 0.77 ? 10 DG A "H2''" 1 
ATOM 308 H "H1'"  . DG A 1 10 ? 2.063   -13.141 -8.631  1.00 0.90 ? 10 DG A "H1'"  1 
ATOM 309 H H8     . DG A 1 10 ? 2.993   -10.548 -11.352 1.00 0.90 ? 10 DG A H8     1 
ATOM 310 H H1     . DG A 1 10 ? -3.167  -10.557 -9.491  1.00 0.00 ? 10 DG A H1     1 
ATOM 311 H H21    . DG A 1 10 ? -3.410  -12.321 -7.929  1.00 0.00 ? 10 DG A H21    1 
ATOM 312 H H22    . DG A 1 10 ? -2.106  -13.249 -7.494  1.00 0.00 ? 10 DG A H22    1 
ATOM 313 O "O5'"  . DC B 2 1  ? -11.214 -9.278  -7.843  1.00 0.00 ? 11 DC B "O5'"  1 
ATOM 314 C "C5'"  . DC B 2 1  ? -11.468 -10.675 -7.669  1.00 0.00 ? 11 DC B "C5'"  1 
ATOM 315 C "C4'"  . DC B 2 1  ? -10.238 -11.400 -7.146  1.00 0.00 ? 11 DC B "C4'"  1 
ATOM 316 O "O4'"  . DC B 2 1  ? -9.106  -11.116 -8.009  1.00 0.00 ? 11 DC B "O4'"  1 
ATOM 317 C "C3'"  . DC B 2 1  ? -9.863  -10.928 -5.750  1.00 0.00 ? 11 DC B "C3'"  1 
ATOM 318 O "O3'"  . DC B 2 1  ? -9.750  -12.062 -4.864  1.00 0.00 ? 11 DC B "O3'"  1 
ATOM 319 C "C2'"  . DC B 2 1  ? -8.544  -10.205 -5.927  1.00 0.00 ? 11 DC B "C2'"  1 
ATOM 320 C "C1'"  . DC B 2 1  ? -7.979  -10.857 -7.163  1.00 0.00 ? 11 DC B "C1'"  1 
ATOM 321 N N1     . DC B 2 1  ? -7.006  -9.986  -7.889  1.00 0.00 ? 11 DC B N1     1 
ATOM 322 C C2     . DC B 2 1  ? -5.740  -10.485 -8.232  1.00 0.00 ? 11 DC B C2     1 
ATOM 323 O O2     . DC B 2 1  ? -5.317  -11.516 -7.729  1.00 0.00 ? 11 DC B O2     1 
ATOM 324 N N3     . DC B 2 1  ? -4.943  -9.771  -9.030  1.00 0.00 ? 11 DC B N3     1 
ATOM 325 C C4     . DC B 2 1  ? -5.284  -8.576  -9.512  1.00 0.00 ? 11 DC B C4     1 
ATOM 326 N N4     . DC B 2 1  ? -4.485  -7.954  -10.378 1.00 0.00 ? 11 DC B N4     1 
ATOM 327 C C5     . DC B 2 1  ? -6.521  -8.017  -9.191  1.00 0.00 ? 11 DC B C5     1 
ATOM 328 C C6     . DC B 2 1  ? -7.383  -8.727  -8.374  1.00 0.00 ? 11 DC B C6     1 
ATOM 329 H "H5'"  . DC B 2 1  ? -11.746 -11.112 -8.624  1.00 0.90 ? 11 DC B "H5'"  1 
ATOM 330 H "H5''" . DC B 2 1  ? -12.275 -10.815 -6.967  1.00 0.90 ? 11 DC B "H5''" 1 
ATOM 331 H "H4'"  . DC B 2 1  ? -10.409 -12.469 -7.133  1.00 0.90 ? 11 DC B "H4'"  1 
ATOM 332 H "H3'"  . DC B 2 1  ? -10.590 -10.241 -5.344  1.00 0.90 ? 11 DC B "H3'"  1 
ATOM 333 H "H2'"  . DC B 2 1  ? -8.665  -9.140  -6.096  1.00 0.81 ? 11 DC B "H2'"  1 
ATOM 334 H "H2''" . DC B 2 1  ? -7.850  -10.411 -5.122  1.00 0.81 ? 11 DC B "H2''" 1 
ATOM 335 H "H1'"  . DC B 2 1  ? -7.475  -11.778 -6.912  1.00 0.95 ? 11 DC B "H1'"  1 
ATOM 336 H H41    . DC B 2 1  ? -3.656  -8.361  -10.641 1.00 0.00 ? 11 DC B H41    1 
ATOM 337 H H42    . DC B 2 1  ? -4.732  -7.098  -10.730 1.00 0.00 ? 11 DC B H42    1 
ATOM 338 H H5     . DC B 2 1  ? -6.830  -7.084  -9.623  1.00 0.95 ? 11 DC B H5     1 
ATOM 339 H H6     . DC B 2 1  ? -8.390  -8.356  -8.221  1.00 0.95 ? 11 DC B H6     1 
ATOM 340 H "HO5'" . DC B 2 1  ? -10.807 -8.925  -7.043  1.00 0.00 ? 11 DC B "HO5'" 1 
ATOM 341 P P      . DG B 2 2  ? -9.489  -11.914 -3.279  1.00 0.00 ? 12 DG B P      1 
ATOM 342 O OP1    . DG B 2 2  ? -10.056 -13.097 -2.597  1.00 0.00 ? 12 DG B OP1    1 
ATOM 343 O OP2    . DG B 2 2  ? -9.925  -10.562 -2.830  1.00 0.00 ? 12 DG B OP2    1 
ATOM 344 O "O5'"  . DG B 2 2  ? -7.876  -11.960 -3.210  1.00 0.00 ? 12 DG B "O5'"  1 
ATOM 345 C "C5'"  . DG B 2 2  ? -7.182  -13.205 -3.385  1.00 0.00 ? 12 DG B "C5'"  1 
ATOM 346 C "C4'"  . DG B 2 2  ? -5.676  -13.008 -3.269  1.00 0.00 ? 12 DG B "C4'"  1 
ATOM 347 O "O4'"  . DG B 2 2  ? -5.217  -12.142 -4.321  1.00 0.00 ? 12 DG B "O4'"  1 
ATOM 348 C "C3'"  . DG B 2 2  ? -5.291  -12.363 -1.957  1.00 0.00 ? 12 DG B "C3'"  1 
ATOM 349 O "O3'"  . DG B 2 2  ? -4.285  -13.163 -1.298  1.00 0.00 ? 12 DG B "O3'"  1 
ATOM 350 C "C2'"  . DG B 2 2  ? -4.804  -10.979 -2.341  1.00 0.00 ? 12 DG B "C2'"  1 
ATOM 351 C "C1'"  . DG B 2 2  ? -4.261  -11.241 -3.730  1.00 0.00 ? 12 DG B "C1'"  1 
ATOM 352 N N9     . DG B 2 2  ? -4.158  -10.024 -4.575  1.00 0.00 ? 12 DG B N9     1 
ATOM 353 C C8     . DG B 2 2  ? -5.105  -9.147  -4.873  1.00 0.00 ? 12 DG B C8     1 
ATOM 354 N N7     . DG B 2 2  ? -4.685  -8.327  -5.826  1.00 0.00 ? 12 DG B N7     1 
ATOM 355 C C5     . DG B 2 2  ? -3.437  -8.683  -6.133  1.00 0.00 ? 12 DG B C5     1 
ATOM 356 C C6     . DG B 2 2  ? -2.502  -8.187  -7.028  1.00 0.00 ? 12 DG B C6     1 
ATOM 357 O O6     . DG B 2 2  ? -2.744  -7.209  -7.725  1.00 0.00 ? 12 DG B O6     1 
ATOM 358 N N1     . DG B 2 2  ? -1.238  -8.783  -7.062  1.00 0.00 ? 12 DG B N1     1 
ATOM 359 C C2     . DG B 2 2  ? -0.954  -9.846  -6.213  1.00 0.00 ? 12 DG B C2     1 
ATOM 360 N N2     . DG B 2 2  ? 0.265   -10.365 -6.172  1.00 0.00 ? 12 DG B N2     1 
ATOM 361 N N3     . DG B 2 2  ? -1.879  -10.310 -5.376  1.00 0.00 ? 12 DG B N3     1 
ATOM 362 C C4     . DG B 2 2  ? -3.104  -9.758  -5.328  1.00 0.00 ? 12 DG B C4     1 
ATOM 363 H "H5'"  . DG B 2 2  ? -7.405  -13.604 -4.371  1.00 1.00 ? 12 DG B "H5'"  1 
ATOM 364 H "H5''" . DG B 2 2  ? -7.502  -13.909 -2.643  1.00 1.00 ? 12 DG B "H5''" 1 
ATOM 365 H "H4'"  . DG B 2 2  ? -5.189  -13.963 -3.339  1.00 1.00 ? 12 DG B "H4'"  1 
ATOM 366 H "H3'"  . DG B 2 2  ? -6.145  -12.282 -1.291  1.00 1.00 ? 12 DG B "H3'"  1 
ATOM 367 H "H2'"  . DG B 2 2  ? -5.598  -10.248 -2.387  1.00 0.85 ? 12 DG B "H2'"  1 
ATOM 368 H "H2''" . DG B 2 2  ? -4.012  -10.618 -1.697  1.00 0.85 ? 12 DG B "H2''" 1 
ATOM 369 H "H1'"  . DG B 2 2  ? -3.291  -11.712 -3.704  1.00 1.00 ? 12 DG B "H1'"  1 
ATOM 370 H H8     . DG B 2 2  ? -6.046  -9.041  -4.343  1.00 1.00 ? 12 DG B H8     1 
ATOM 371 H H1     . DG B 2 2  ? -0.574  -8.456  -7.669  1.00 0.00 ? 12 DG B H1     1 
ATOM 372 H H21    . DG B 2 2  ? 0.946   -10.037 -6.775  1.00 0.00 ? 12 DG B H21    1 
ATOM 373 H H22    . DG B 2 2  ? 0.460   -11.065 -5.556  1.00 0.00 ? 12 DG B H22    1 
ATOM 374 P P      . DG B 2 3  ? -3.628  -12.799 0.128   1.00 0.00 ? 13 DG B P      1 
ATOM 375 O OP1    . DG B 2 3  ? -3.419  -14.059 0.868   1.00 0.00 ? 13 DG B OP1    1 
ATOM 376 O OP2    . DG B 2 3  ? -4.387  -11.712 0.776   1.00 0.00 ? 13 DG B OP2    1 
ATOM 377 O "O5'"  . DG B 2 3  ? -2.208  -12.211 -0.342  1.00 0.00 ? 13 DG B "O5'"  1 
ATOM 378 C "C5'"  . DG B 2 3  ? -1.207  -13.092 -0.879  1.00 0.00 ? 13 DG B "C5'"  1 
ATOM 379 C "C4'"  . DG B 2 3  ? 0.078   -12.348 -1.192  1.00 0.00 ? 13 DG B "C4'"  1 
ATOM 380 O "O4'"  . DG B 2 3  ? -0.158  -11.364 -2.212  1.00 0.00 ? 13 DG B "O4'"  1 
ATOM 381 C "C3'"  . DG B 2 3  ? 0.618   -11.626 0.033   1.00 0.00 ? 13 DG B "C3'"  1 
ATOM 382 O "O3'"  . DG B 2 3  ? 1.924   -12.130 0.359   1.00 0.00 ? 13 DG B "O3'"  1 
ATOM 383 C "C2'"  . DG B 2 3  ? 0.607   -10.162 -0.353  1.00 0.00 ? 13 DG B "C2'"  1 
ATOM 384 C "C1'"  . DG B 2 3  ? 0.587   -10.183 -1.862  1.00 0.00 ? 13 DG B "C1'"  1 
ATOM 385 N N9     . DG B 2 3  ? -0.110  -9.008  -2.440  1.00 0.00 ? 13 DG B N9     1 
ATOM 386 C C8     . DG B 2 3  ? -1.407  -8.705  -2.300  1.00 0.00 ? 13 DG B C8     1 
ATOM 387 N N7     . DG B 2 3  ? -1.742  -7.732  -3.135  1.00 0.00 ? 13 DG B N7     1 
ATOM 388 C C5     . DG B 2 3  ? -0.649  -7.410  -3.815  1.00 0.00 ? 13 DG B C5     1 
ATOM 389 C C6     . DG B 2 3  ? -0.417  -6.486  -4.831  1.00 0.00 ? 13 DG B C6     1 
ATOM 390 O O6     . DG B 2 3  ? -1.346  -5.850  -5.308  1.00 0.00 ? 13 DG B O6     1 
ATOM 391 N N1     . DG B 2 3  ? 0.873   -6.384  -5.350  1.00 0.00 ? 13 DG B N1     1 
ATOM 392 C C2     . DG B 2 3  ? 1.885   -7.201  -4.859  1.00 0.00 ? 13 DG B C2     1 
ATOM 393 N N2     . DG B 2 3  ? 3.125   -7.065  -5.309  1.00 0.00 ? 13 DG B N2     1 
ATOM 394 N N3     . DG B 2 3  ? 1.621   -8.086  -3.883  1.00 0.00 ? 13 DG B N3     1 
ATOM 395 C C4     . DG B 2 3  ? 0.392   -8.212  -3.365  1.00 0.00 ? 13 DG B C4     1 
ATOM 396 H "H5'"  . DG B 2 3  ? -1.575  -13.542 -1.789  1.00 1.00 ? 13 DG B "H5'"  1 
ATOM 397 H "H5''" . DG B 2 3  ? -0.998  -13.866 -0.159  1.00 1.00 ? 13 DG B "H5''" 1 
ATOM 398 H "H4'"  . DG B 2 3  ? 0.835   -13.050 -1.532  1.00 1.00 ? 13 DG B "H4'"  1 
ATOM 399 H "H3'"  . DG B 2 3  ? -0.033  -11.764 0.885   1.00 1.00 ? 13 DG B "H3'"  1 
ATOM 400 H "H2'"  . DG B 2 3  ? -0.261  -9.642  0.023   1.00 0.85 ? 13 DG B "H2'"  1 
ATOM 401 H "H2''" . DG B 2 3  ? 1.488   -9.640  -0.032  1.00 0.85 ? 13 DG B "H2''" 1 
ATOM 402 H "H1'"  . DG B 2 3  ? 1.591   -10.227 -2.253  1.00 1.00 ? 13 DG B "H1'"  1 
ATOM 403 H H8     . DG B 2 3  ? -2.074  -9.181  -1.591  1.00 1.00 ? 13 DG B H8     1 
ATOM 404 H H1     . DG B 2 3  ? 1.051   -5.756  -6.054  1.00 0.00 ? 13 DG B H1     1 
ATOM 405 H H21    . DG B 2 3  ? 3.311   -6.425  -5.999  1.00 0.00 ? 13 DG B H21    1 
ATOM 406 H H22    . DG B 2 3  ? 3.827   -7.593  -4.945  1.00 0.00 ? 13 DG B H22    1 
ATOM 407 P P      . DT B 2 4  ? 2.783   -11.622 1.635   1.00 0.00 ? 14 DT B P      1 
ATOM 408 O OP1    . DT B 2 4  ? 3.797   -12.649 1.958   1.00 0.00 ? 14 DT B OP1    1 
ATOM 409 O OP2    . DT B 2 4  ? 1.860   -11.162 2.703   1.00 0.00 ? 14 DT B OP2    1 
ATOM 410 O "O5'"  . DT B 2 4  ? 3.498   -10.335 1.000   1.00 0.00 ? 14 DT B "O5'"  1 
ATOM 411 C "C5'"  . DT B 2 4  ? 4.417   -10.465 -0.089  1.00 0.00 ? 14 DT B "C5'"  1 
ATOM 412 C "C4'"  . DT B 2 4  ? 4.760   -9.096  -0.645  1.00 0.00 ? 14 DT B "C4'"  1 
ATOM 413 O "O4'"  . DT B 2 4  ? 3.584   -8.426  -1.140  1.00 0.00 ? 14 DT B "O4'"  1 
ATOM 414 C "C3'"  . DT B 2 4  ? 5.355   -8.218  0.444   1.00 0.00 ? 14 DT B "C3'"  1 
ATOM 415 O "O3'"  . DT B 2 4  ? 6.754   -8.007  0.195   1.00 0.00 ? 14 DT B "O3'"  1 
ATOM 416 C "C2'"  . DT B 2 4  ? 4.539   -6.948  0.390   1.00 0.00 ? 14 DT B "C2'"  1 
ATOM 417 C "C1'"  . DT B 2 4  ? 3.836   -7.025  -0.945  1.00 0.00 ? 14 DT B "C1'"  1 
ATOM 418 N N1     . DT B 2 4  ? 2.547   -6.271  -0.979  1.00 0.00 ? 14 DT B N1     1 
ATOM 419 C C2     . DT B 2 4  ? 2.308   -5.376  -2.024  1.00 0.00 ? 14 DT B C2     1 
ATOM 420 O O2     . DT B 2 4  ? 3.221   -4.920  -2.712  1.00 0.00 ? 14 DT B O2     1 
ATOM 421 N N3     . DT B 2 4  ? 1.024   -4.863  -2.217  1.00 0.00 ? 14 DT B N3     1 
ATOM 422 C C4     . DT B 2 4  ? -0.028  -5.211  -1.361  1.00 0.00 ? 14 DT B C4     1 
ATOM 423 O O4     . DT B 2 4  ? -1.155  -4.808  -1.634  1.00 0.00 ? 14 DT B O4     1 
ATOM 424 C C5     . DT B 2 4  ? 0.215   -6.054  -0.290  1.00 0.00 ? 14 DT B C5     1 
ATOM 425 C C7     . DT B 2 4  ? -0.857  -6.389  0.747   1.00 0.00 ? 14 DT B C7     1 
ATOM 426 C C6     . DT B 2 4  ? 1.489   -6.588  -0.102  1.00 0.00 ? 14 DT B C6     1 
ATOM 427 H "H5'"  . DT B 2 4  ? 3.985   -11.069 -0.874  1.00 1.00 ? 14 DT B "H5'"  1 
ATOM 428 H "H5''" . DT B 2 4  ? 5.330   -10.943 0.247   1.00 1.00 ? 14 DT B "H5''" 1 
ATOM 429 H "H4'"  . DT B 2 4  ? 5.472   -9.187  -1.447  1.00 1.00 ? 14 DT B "H4'"  1 
ATOM 430 H "H3'"  . DT B 2 4  ? 5.247   -8.669  1.427   1.00 1.00 ? 14 DT B "H3'"  1 
ATOM 431 H "H2'"  . DT B 2 4  ? 3.802   -6.891  1.178   1.00 0.85 ? 14 DT B "H2'"  1 
ATOM 432 H "H2''" . DT B 2 4  ? 5.167   -6.073  0.381   1.00 0.85 ? 14 DT B "H2''" 1 
ATOM 433 H "H1'"  . DT B 2 4  ? 4.460   -6.648  -1.734  1.00 1.00 ? 14 DT B "H1'"  1 
ATOM 434 H H3     . DT B 2 4  ? 0.867   -4.260  -2.943  1.00 0.00 ? 14 DT B H3     1 
ATOM 435 H H71    . DT B 2 4  ? -1.246  -5.465  1.131   1.00 0.65 ? 14 DT B H71    1 
ATOM 436 H H72    . DT B 2 4  ? -1.632  -6.958  0.241   1.00 0.65 ? 14 DT B H72    1 
ATOM 437 H H73    . DT B 2 4  ? -0.370  -6.974  1.516   1.00 0.65 ? 14 DT B H73    1 
ATOM 438 H H6     . DT B 2 4  ? 1.670   -7.188  0.773   1.00 1.00 ? 14 DT B H6     1 
ATOM 439 P P      . DG B 2 5  ? 7.716   -7.209  1.219   1.00 0.00 ? 15 DG B P      1 
ATOM 440 O OP1    . DG B 2 5  ? 9.112   -7.667  1.008   1.00 0.00 ? 15 DG B OP1    1 
ATOM 441 O OP2    . DG B 2 5  ? 7.144   -7.258  2.577   1.00 0.00 ? 15 DG B OP2    1 
ATOM 442 O "O5'"  . DG B 2 5  ? 7.560   -5.709  0.663   1.00 0.00 ? 15 DG B "O5'"  1 
ATOM 443 C "C5'"  . DG B 2 5  ? 8.076   -5.365  -0.631  1.00 0.00 ? 15 DG B "C5'"  1 
ATOM 444 C "C4'"  . DG B 2 5  ? 7.707   -3.939  -1.004  1.00 0.00 ? 15 DG B "C4'"  1 
ATOM 445 O "O4'"  . DG B 2 5  ? 6.272   -3.805  -1.111  1.00 0.00 ? 15 DG B "O4'"  1 
ATOM 446 C "C3'"  . DG B 2 5  ? 8.177   -2.953  0.055   1.00 0.00 ? 15 DG B "C3'"  1 
ATOM 447 O "O3'"  . DG B 2 5  ? 9.131   -2.062  -0.538  1.00 0.00 ? 15 DG B "O3'"  1 
ATOM 448 C "C2'"  . DG B 2 5  ? 6.903   -2.278  0.527   1.00 0.00 ? 15 DG B "C2'"  1 
ATOM 449 C "C1'"  . DG B 2 5  ? 5.945   -2.492  -0.622  1.00 0.00 ? 15 DG B "C1'"  1 
ATOM 450 N N9     . DG B 2 5  ? 4.524   -2.462  -0.217  1.00 0.00 ? 15 DG B N9     1 
ATOM 451 C C8     . DG B 2 5  ? 3.911   -3.244  0.672   1.00 0.00 ? 15 DG B C8     1 
ATOM 452 N N7     . DG B 2 5  ? 2.585   -3.129  0.562   1.00 0.00 ? 15 DG B N7     1 
ATOM 453 C C5     . DG B 2 5  ? 2.351   -2.231  -0.392  1.00 0.00 ? 15 DG B C5     1 
ATOM 454 C C6     . DG B 2 5  ? 1.187   -1.688  -0.905  1.00 0.00 ? 15 DG B C6     1 
ATOM 455 O O6     . DG B 2 5  ? 0.086   -2.084  -0.534  1.00 0.00 ? 15 DG B O6     1 
ATOM 456 N N1     . DG B 2 5  ? 1.286   -0.693  -1.878  1.00 0.00 ? 15 DG B N1     1 
ATOM 457 C C2     . DG B 2 5  ? 2.543   -0.286  -2.314  1.00 0.00 ? 15 DG B C2     1 
ATOM 458 N N2     . DG B 2 5  ? 2.662   0.671   -3.227  1.00 0.00 ? 15 DG B N2     1 
ATOM 459 N N3     . DG B 2 5  ? 3.650   -0.846  -1.812  1.00 0.00 ? 15 DG B N3     1 
ATOM 460 C C4     . DG B 2 5  ? 3.578   -1.799  -0.872  1.00 0.00 ? 15 DG B C4     1 
ATOM 461 H "H5'"  . DG B 2 5  ? 7.681   -6.029  -1.376  1.00 1.00 ? 15 DG B "H5'"  1 
ATOM 462 H "H5''" . DG B 2 5  ? 9.154   -5.444  -0.623  1.00 1.00 ? 15 DG B "H5''" 1 
ATOM 463 H "H4'"  . DG B 2 5  ? 8.164   -3.683  -1.939  1.00 1.00 ? 15 DG B "H4'"  1 
ATOM 464 H "H3'"  . DG B 2 5  ? 8.647   -3.460  0.883   1.00 1.00 ? 15 DG B "H3'"  1 
ATOM 465 H "H2'"  . DG B 2 5  ? 6.510   -2.719  1.434   1.00 0.85 ? 15 DG B "H2'"  1 
ATOM 466 H "H2''" . DG B 2 5  ? 7.048   -1.225  0.692   1.00 0.85 ? 15 DG B "H2''" 1 
ATOM 467 H "H1'"  . DG B 2 5  ? 6.090   -1.755  -1.406  1.00 1.00 ? 15 DG B "H1'"  1 
ATOM 468 H H8     . DG B 2 5  ? 4.407   -3.784  1.471   1.00 1.00 ? 15 DG B H8     1 
ATOM 469 H H1     . DG B 2 5  ? 0.496   -0.299  -2.243  1.00 0.00 ? 15 DG B H1     1 
ATOM 470 H H21    . DG B 2 5  ? 1.870   1.078   -3.587  1.00 0.00 ? 15 DG B H21    1 
ATOM 471 H H22    . DG B 2 5  ? 3.529   0.952   -3.508  1.00 0.00 ? 15 DG B H22    1 
ATOM 472 P P      . DA B 2 6  ? 9.785   -0.794  0.218   1.00 0.00 ? 16 DA B P      1 
ATOM 473 O OP1    . DA B 2 6  ? 11.110  -0.521  -0.369  1.00 0.00 ? 16 DA B OP1    1 
ATOM 474 O OP2    . DA B 2 6  ? 9.667   -0.967  1.690   1.00 0.00 ? 16 DA B OP2    1 
ATOM 475 O "O5'"  . DA B 2 6  ? 8.755   0.362   -0.224  1.00 0.00 ? 16 DA B "O5'"  1 
ATOM 476 C "C5'"  . DA B 2 6  ? 8.642   0.725   -1.610  1.00 0.00 ? 16 DA B "C5'"  1 
ATOM 477 C "C4'"  . DA B 2 6  ? 7.608   1.821   -1.798  1.00 0.00 ? 16 DA B "C4'"  1 
ATOM 478 O "O4'"  . DA B 2 6  ? 6.321   1.349   -1.378  1.00 0.00 ? 16 DA B "O4'"  1 
ATOM 479 C "C3'"  . DA B 2 6  ? 7.968   3.037   -0.954  1.00 0.00 ? 16 DA B "C3'"  1 
ATOM 480 O "O3'"  . DA B 2 6  ? 8.224   4.159   -1.808  1.00 0.00 ? 16 DA B "O3'"  1 
ATOM 481 C "C2'"  . DA B 2 6  ? 6.789   3.205   -0.032  1.00 0.00 ? 16 DA B "C2'"  1 
ATOM 482 C "C1'"  . DA B 2 6  ? 5.676   2.455   -0.711  1.00 0.00 ? 16 DA B "C1'"  1 
ATOM 483 N N9     . DA B 2 6  ? 4.690   1.895   0.261   1.00 0.00 ? 16 DA B N9     1 
ATOM 484 C C8     . DA B 2 6  ? 4.945   0.993   1.206   1.00 0.00 ? 16 DA B C8     1 
ATOM 485 N N7     . DA B 2 6  ? 3.811   0.514   1.701   1.00 0.00 ? 16 DA B N7     1 
ATOM 486 C C5     . DA B 2 6  ? 2.818   1.130   1.068   1.00 0.00 ? 16 DA B C5     1 
ATOM 487 C C6     . DA B 2 6  ? 1.434   1.035   1.151   1.00 0.00 ? 16 DA B C6     1 
ATOM 488 N N6     . DA B 2 6  ? 0.871   0.117   1.913   1.00 0.00 ? 16 DA B N6     1 
ATOM 489 N N1     . DA B 2 6  ? 0.694   1.833   0.379   1.00 0.00 ? 16 DA B N1     1 
ATOM 490 C C2     . DA B 2 6  ? 1.267   2.687   -0.463  1.00 0.00 ? 16 DA B C2     1 
ATOM 491 N N3     . DA B 2 6  ? 2.578   2.793   -0.585  1.00 0.00 ? 16 DA B N3     1 
ATOM 492 C C4     . DA B 2 6  ? 3.376   2.027   0.173   1.00 0.00 ? 16 DA B C4     1 
ATOM 493 H "H5'"  . DA B 2 6  ? 8.348   -0.133  -2.190  1.00 1.00 ? 16 DA B "H5'"  1 
ATOM 494 H "H5''" . DA B 2 6  ? 9.596   1.081   -1.969  1.00 1.00 ? 16 DA B "H5''" 1 
ATOM 495 H "H4'"  . DA B 2 6  ? 7.571   2.118   -2.830  1.00 1.00 ? 16 DA B "H4'"  1 
ATOM 496 H "H3'"  . DA B 2 6  ? 8.835   2.850   -0.339  1.00 1.00 ? 16 DA B "H3'"  1 
ATOM 497 H "H2'"  . DA B 2 6  ? 6.993   2.791   0.948   1.00 0.85 ? 16 DA B "H2'"  1 
ATOM 498 H "H2''" . DA B 2 6  ? 6.501   4.241   0.075   1.00 0.85 ? 16 DA B "H2''" 1 
ATOM 499 H "H1'"  . DA B 2 6  ? 5.155   3.079   -1.423  1.00 1.00 ? 16 DA B "H1'"  1 
ATOM 500 H H8     . DA B 2 6  ? 5.921   0.808   1.626   1.00 1.00 ? 16 DA B H8     1 
ATOM 501 H H61    . DA B 2 6  ? -0.089  0.034   1.940   1.00 0.00 ? 16 DA B H61    1 
ATOM 502 H H62    . DA B 2 6  ? 1.420   -0.488  2.418   1.00 0.00 ? 16 DA B H62    1 
ATOM 503 H H2     . DA B 2 6  ? 0.637   3.303   -1.085  1.00 1.00 ? 16 DA B H2     1 
ATOM 504 P P      . DT B 2 7  ? 8.676   5.601   -1.257  1.00 0.00 ? 17 DT B P      1 
ATOM 505 O OP1    . DT B 2 7  ? 9.435   6.301   -2.326  1.00 0.00 ? 17 DT B OP1    1 
ATOM 506 O OP2    . DT B 2 7  ? 9.292   5.456   0.077   1.00 0.00 ? 17 DT B OP2    1 
ATOM 507 O "O5'"  . DT B 2 7  ? 7.243   6.302   -1.078  1.00 0.00 ? 17 DT B "O5'"  1 
ATOM 508 C "C5'"  . DT B 2 7  ? 6.394   6.535   -2.205  1.00 0.00 ? 17 DT B "C5'"  1 
ATOM 509 C "C4'"  . DT B 2 7  ? 5.024   6.990   -1.745  1.00 0.00 ? 17 DT B "C4'"  1 
ATOM 510 O "O4'"  . DT B 2 7  ? 4.428   5.995   -0.905  1.00 0.00 ? 17 DT B "O4'"  1 
ATOM 511 C "C3'"  . DT B 2 7  ? 5.131   8.276   -0.945  1.00 0.00 ? 17 DT B "C3'"  1 
ATOM 512 O "O3'"  . DT B 2 7  ? 4.570   9.370   -1.684  1.00 0.00 ? 17 DT B "O3'"  1 
ATOM 513 C "C2'"  . DT B 2 7  ? 4.402   7.967   0.341   1.00 0.00 ? 17 DT B "C2'"  1 
ATOM 514 C "C1'"  . DT B 2 7  ? 3.610   6.710   0.034   1.00 0.00 ? 17 DT B "C1'"  1 
ATOM 515 N N1     . DT B 2 7  ? 3.370   5.877   1.245   1.00 0.00 ? 17 DT B N1     1 
ATOM 516 C C2     . DT B 2 7  ? 2.069   5.478   1.560   1.00 0.00 ? 17 DT B C2     1 
ATOM 517 O O2     . DT B 2 7  ? 1.084   6.055   1.089   1.00 0.00 ? 17 DT B O2     1 
ATOM 518 N N3     . DT B 2 7  ? 1.853   4.491   2.521   1.00 0.00 ? 17 DT B N3     1 
ATOM 519 C C4     . DT B 2 7  ? 2.923   3.907   3.199   1.00 0.00 ? 17 DT B C4     1 
ATOM 520 O O4     . DT B 2 7  ? 2.696   2.968   3.964   1.00 0.00 ? 17 DT B O4     1 
ATOM 521 C C5     . DT B 2 7  ? 4.215   4.325   2.914   1.00 0.00 ? 17 DT B C5     1 
ATOM 522 C C7     . DT B 2 7  ? 5.433   3.833   3.702   1.00 0.00 ? 17 DT B C7     1 
ATOM 523 C C6     . DT B 2 7  ? 4.436   5.304   1.957   1.00 0.00 ? 17 DT B C6     1 
ATOM 524 H "H5'"  . DT B 2 7  ? 6.297   5.630   -2.784  1.00 1.00 ? 17 DT B "H5'"  1 
ATOM 525 H "H5''" . DT B 2 7  ? 6.832   7.300   -2.838  1.00 1.00 ? 17 DT B "H5''" 1 
ATOM 526 H "H4'"  . DT B 2 7  ? 4.379   7.170   -2.597  1.00 1.00 ? 17 DT B "H4'"  1 
ATOM 527 H "H3'"  . DT B 2 7  ? 6.152   8.509   -0.681  1.00 1.00 ? 17 DT B "H3'"  1 
ATOM 528 H "H2'"  . DT B 2 7  ? 5.118   7.744   1.133   1.00 0.85 ? 17 DT B "H2'"  1 
ATOM 529 H "H2''" . DT B 2 7  ? 3.706   8.770   0.584   1.00 0.85 ? 17 DT B "H2''" 1 
ATOM 530 H "H1'"  . DT B 2 7  ? 2.659   6.951   -0.414  1.00 1.00 ? 17 DT B "H1'"  1 
ATOM 531 H H3     . DT B 2 7  ? 0.961   4.209   2.720   1.00 0.00 ? 17 DT B H3     1 
ATOM 532 H H71    . DT B 2 7  ? 5.242   4.018   4.758   1.00 0.65 ? 17 DT B H71    1 
ATOM 533 H H72    . DT B 2 7  ? 5.557   2.787   3.499   1.00 0.65 ? 17 DT B H72    1 
ATOM 534 H H73    . DT B 2 7  ? 6.272   4.416   3.340   1.00 0.65 ? 17 DT B H73    1 
ATOM 535 H H6     . DT B 2 7  ? 5.448   5.653   1.820   1.00 1.00 ? 17 DT B H6     1 
ATOM 536 P P      . DA B 2 8  ? 4.621   10.908  -1.187  1.00 0.00 ? 18 DA B P      1 
ATOM 537 O OP1    . DA B 2 8  ? 4.818   11.774  -2.373  1.00 0.00 ? 18 DA B OP1    1 
ATOM 538 O OP2    . DA B 2 8  ? 5.551   11.040  -0.041  1.00 0.00 ? 18 DA B OP2    1 
ATOM 539 O "O5'"  . DA B 2 8  ? 3.121   11.088  -0.637  1.00 0.00 ? 18 DA B "O5'"  1 
ATOM 540 C "C5'"  . DA B 2 8  ? 2.015   10.958  -1.538  1.00 0.00 ? 18 DA B "C5'"  1 
ATOM 541 C "C4'"  . DA B 2 8  ? 0.694   10.874  -0.784  1.00 0.00 ? 18 DA B "C4'"  1 
ATOM 542 O "O4'"  . DA B 2 8  ? 0.813   9.804   0.186   1.00 0.00 ? 18 DA B "O4'"  1 
ATOM 543 C "C3'"  . DA B 2 8  ? 0.401   12.157  -0.029  1.00 0.00 ? 18 DA B "C3'"  1 
ATOM 544 O "O3'"  . DA B 2 8  ? -0.918  12.621  -0.371  1.00 0.00 ? 18 DA B "O3'"  1 
ATOM 545 C "C2'"  . DA B 2 8  ? 0.555   11.786  1.424   1.00 0.00 ? 18 DA B "C2'"  1 
ATOM 546 C "C1'"  . DA B 2 8  ? 0.299   10.294  1.439   1.00 0.00 ? 18 DA B "C1'"  1 
ATOM 547 N N9     . DA B 2 8  ? 1.022   9.580   2.525   1.00 0.00 ? 18 DA B N9     1 
ATOM 548 C C8     . DA B 2 8  ? 2.327   9.628   2.808   1.00 0.00 ? 18 DA B C8     1 
ATOM 549 N N7     . DA B 2 8  ? 2.656   8.639   3.645   1.00 0.00 ? 18 DA B N7     1 
ATOM 550 C C5     . DA B 2 8  ? 1.534   7.969   3.910   1.00 0.00 ? 18 DA B C5     1 
ATOM 551 C C6     . DA B 2 8  ? 1.260   6.870   4.700   1.00 0.00 ? 18 DA B C6     1 
ATOM 552 N N6     . DA B 2 8  ? 2.224   6.231   5.354   1.00 0.00 ? 18 DA B N6     1 
ATOM 553 N N1     . DA B 2 8  ? -0.004  6.433   4.778   1.00 0.00 ? 18 DA B N1     1 
ATOM 554 C C2     . DA B 2 8  ? -0.958  7.048   4.111   1.00 0.00 ? 18 DA B C2     1 
ATOM 555 N N3     . DA B 2 8  ? -0.742  8.091   3.341   1.00 0.00 ? 18 DA B N3     1 
ATOM 556 C C4     . DA B 2 8  ? 0.503   8.575   3.223   1.00 0.00 ? 18 DA B C4     1 
ATOM 557 H "H5'"  . DA B 2 8  ? 2.139   10.063  -2.133  1.00 1.00 ? 18 DA B "H5'"  1 
ATOM 558 H "H5''" . DA B 2 8  ? 1.980   11.820  -2.201  1.00 1.00 ? 18 DA B "H5''" 1 
ATOM 559 H "H4'"  . DA B 2 8  ? -0.113  10.664  -1.468  1.00 1.00 ? 18 DA B "H4'"  1 
ATOM 560 H "H3'"  . DA B 2 8  ? 1.118   12.930  -0.268  1.00 1.00 ? 18 DA B "H3'"  1 
ATOM 561 H "H2'"  . DA B 2 8  ? 1.519   12.032  1.805   1.00 0.85 ? 18 DA B "H2'"  1 
ATOM 562 H "H2''" . DA B 2 8  ? -0.182  12.277  2.040   1.00 0.85 ? 18 DA B "H2''" 1 
ATOM 563 H "H1'"  . DA B 2 8  ? -0.754  10.065  1.504   1.00 1.00 ? 18 DA B "H1'"  1 
ATOM 564 H H8     . DA B 2 8  ? 3.003   10.400  2.483   1.00 1.00 ? 18 DA B H8     1 
ATOM 565 H H61    . DA B 2 8  ? 2.024   5.452   5.884   1.00 0.00 ? 18 DA B H61    1 
ATOM 566 H H62    . DA B 2 8  ? 3.132   6.543   5.287   1.00 0.00 ? 18 DA B H62    1 
ATOM 567 H H2     . DA B 2 8  ? -1.970  6.681   4.206   1.00 1.00 ? 18 DA B H2     1 
ATOM 568 P P      . DG B 2 9  ? -1.562  13.986  0.219   1.00 0.00 ? 19 DG B P      1 
ATOM 569 O OP1    . DG B 2 9  ? -2.557  14.498  -0.745  1.00 0.00 ? 19 DG B OP1    1 
ATOM 570 O OP2    . DG B 2 9  ? -0.481  14.891  0.686   1.00 0.00 ? 19 DG B OP2    1 
ATOM 571 O "O5'"  . DG B 2 9  ? -2.324  13.424  1.526   1.00 0.00 ? 19 DG B "O5'"  1 
ATOM 572 C "C5'"  . DG B 2 9  ? -3.459  12.555  1.375   1.00 0.00 ? 19 DG B "C5'"  1 
ATOM 573 C "C4'"  . DG B 2 9  ? -3.893  11.978  2.711   1.00 0.00 ? 19 DG B "C4'"  1 
ATOM 574 O "O4'"  . DG B 2 9  ? -2.802  11.221  3.279   1.00 0.00 ? 19 DG B "O4'"  1 
ATOM 575 C "C3'"  . DG B 2 9  ? -4.261  13.070  3.695   1.00 0.00 ? 19 DG B "C3'"  1 
ATOM 576 O "O3'"  . DG B 2 9  ? -5.610  12.877  4.150   1.00 0.00 ? 19 DG B "O3'"  1 
ATOM 577 C "C2'"  . DG B 2 9  ? -3.241  12.930  4.810   1.00 0.00 ? 19 DG B "C2'"  1 
ATOM 578 C "C1'"  . DG B 2 9  ? -2.837  11.471  4.695   1.00 0.00 ? 19 DG B "C1'"  1 
ATOM 579 N N9     . DG B 2 9  ? -1.516  11.151  5.282   1.00 0.00 ? 19 DG B N9     1 
ATOM 580 C C8     . DG B 2 9  ? -0.343  11.760  5.091   1.00 0.00 ? 19 DG B C8     1 
ATOM 581 N N7     . DG B 2 9  ? 0.622   11.098  5.721   1.00 0.00 ? 19 DG B N7     1 
ATOM 582 C C5     . DG B 2 9  ? 0.060   10.068  6.337   1.00 0.00 ? 19 DG B C5     1 
ATOM 583 C C6     . DG B 2 9  ? 0.554   9.068   7.162   1.00 0.00 ? 19 DG B C6     1 
ATOM 584 O O6     . DG B 2 9  ? 1.755   9.005   7.436   1.00 0.00 ? 19 DG B O6     1 
ATOM 585 N N1     . DG B 2 9  ? -0.341  8.141   7.697   1.00 0.00 ? 19 DG B N1     1 
ATOM 586 C C2     . DG B 2 9  ? -1.691  8.226   7.377   1.00 0.00 ? 19 DG B C2     1 
ATOM 587 N N2     . DG B 2 9  ? -2.562  7.376   7.907   1.00 0.00 ? 19 DG B N2     1 
ATOM 588 N N3     . DG B 2 9  ? -2.135  9.189   6.567   1.00 0.00 ? 19 DG B N3     1 
ATOM 589 C C4     . DG B 2 9  ? -1.295  10.103  6.057   1.00 0.00 ? 19 DG B C4     1 
ATOM 590 H "H5'"  . DG B 2 9  ? -3.208  11.738  0.708   1.00 1.00 ? 19 DG B "H5'"  1 
ATOM 591 H "H5''" . DG B 2 9  ? -4.283  13.118  0.953   1.00 1.00 ? 19 DG B "H5''" 1 
ATOM 592 H "H4'"  . DG B 2 9  ? -4.749  11.343  2.561   1.00 1.00 ? 19 DG B "H4'"  1 
ATOM 593 H "H3'"  . DG B 2 9  ? -4.177  14.050  3.249   1.00 1.00 ? 19 DG B "H3'"  1 
ATOM 594 H "H2'"  . DG B 2 9  ? -2.392  13.571  4.686   1.00 0.85 ? 19 DG B "H2'"  1 
ATOM 595 H "H2''" . DG B 2 9  ? -3.671  13.088  5.782   1.00 0.85 ? 19 DG B "H2''" 1 
ATOM 596 H "H1'"  . DG B 2 9  ? -3.564  10.825  5.157   1.00 1.00 ? 19 DG B "H1'"  1 
ATOM 597 H H8     . DG B 2 9  ? -0.201  12.712  4.609   1.00 1.00 ? 19 DG B H8     1 
ATOM 598 H H1     . DG B 2 9  ? -0.020  7.442   8.273   1.00 0.00 ? 19 DG B H1     1 
ATOM 599 H H21    . DG B 2 9  ? -2.253  6.678   8.503   1.00 0.00 ? 19 DG B H21    1 
ATOM 600 H H22    . DG B 2 9  ? -3.498  7.456   7.713   1.00 0.00 ? 19 DG B H22    1 
ATOM 601 P P      . DA B 2 10 ? -6.371  13.869  5.175   1.00 0.00 ? 20 DA B P      1 
ATOM 602 O OP1    . DA B 2 10 ? -7.796  13.961  4.778   1.00 0.00 ? 20 DA B OP1    1 
ATOM 603 O OP2    . DA B 2 10 ? -5.594  15.120  5.343   1.00 0.00 ? 20 DA B OP2    1 
ATOM 604 O "O5'"  . DA B 2 10 ? -6.249  13.037  6.549   1.00 0.00 ? 20 DA B "O5'"  1 
ATOM 605 C "C5'"  . DA B 2 10 ? -7.020  11.829  6.741   1.00 0.00 ? 20 DA B "C5'"  1 
ATOM 606 C "C4'"  . DA B 2 10 ? -6.524  11.072  7.954   1.00 0.00 ? 20 DA B "C4'"  1 
ATOM 607 O "O4'"  . DA B 2 10 ? -5.126  10.785  7.816   1.00 0.00 ? 20 DA B "O4'"  1 
ATOM 608 C "C3'"  . DA B 2 10 ? -6.691  11.894  9.218   1.00 0.00 ? 20 DA B "C3'"  1 
ATOM 609 O "O3'"  . DA B 2 10 ? -7.713  11.346  10.063  1.00 0.00 ? 20 DA B "O3'"  1 
ATOM 610 C "C2'"  . DA B 2 10 ? -5.356  11.803  9.935   1.00 0.00 ? 20 DA B "C2'"  1 
ATOM 611 C "C1'"  . DA B 2 10 ? -4.582  10.768  9.144   1.00 0.00 ? 20 DA B "C1'"  1 
ATOM 612 N N9     . DA B 2 10 ? -3.161  11.177  9.087   1.00 0.00 ? 20 DA B N9     1 
ATOM 613 C C8     . DA B 2 10 ? -2.678  12.249  8.453   1.00 0.00 ? 20 DA B C8     1 
ATOM 614 N N7     . DA B 2 10 ? -1.361  12.322  8.628   1.00 0.00 ? 20 DA B N7     1 
ATOM 615 C C5     . DA B 2 10 ? -1.012  11.312  9.415   1.00 0.00 ? 20 DA B C5     1 
ATOM 616 C C6     . DA B 2 10 ? 0.197   10.908  9.976   1.00 0.00 ? 20 DA B C6     1 
ATOM 617 N N6     . DA B 2 10 ? 1.321   11.542  9.682   1.00 0.00 ? 20 DA B N6     1 
ATOM 618 N N1     . DA B 2 10 ? 0.203   9.851   10.790  1.00 0.00 ? 20 DA B N1     1 
ATOM 619 C C2     . DA B 2 10 ? -0.916  9.191   11.046  1.00 0.00 ? 20 DA B C2     1 
ATOM 620 N N3     . DA B 2 10 ? -2.083  9.528   10.529  1.00 0.00 ? 20 DA B N3     1 
ATOM 621 C C4     . DA B 2 10 ? -2.154  10.579  9.712   1.00 0.00 ? 20 DA B C4     1 
ATOM 622 H "H5'"  . DA B 2 10 ? -6.928  11.199  5.862   1.00 0.95 ? 20 DA B "H5'"  1 
ATOM 623 H "H5''" . DA B 2 10 ? -8.064  12.082  6.882   1.00 0.95 ? 20 DA B "H5''" 1 
ATOM 624 H "H4'"  . DA B 2 10 ? -7.067  10.145  8.068   1.00 0.95 ? 20 DA B "H4'"  1 
ATOM 625 H "H3'"  . DA B 2 10 ? -6.947  12.926  8.995   1.00 0.95 ? 20 DA B "H3'"  1 
ATOM 626 H "HO3'" . DA B 2 10 ? -8.618  11.303  9.741   1.00 0.00 ? 20 DA B "HO3'" 1 
ATOM 627 H "H2'"  . DA B 2 10 ? -4.780  12.720  9.894   1.00 0.77 ? 20 DA B "H2'"  1 
ATOM 628 H "H2''" . DA B 2 10 ? -5.452  11.439  10.954  1.00 0.77 ? 20 DA B "H2''" 1 
ATOM 629 H "H1'"  . DA B 2 10 ? -4.678  9.793   9.593   1.00 0.90 ? 20 DA B "H1'"  1 
ATOM 630 H H8     . DA B 2 10 ? -3.318  13.025  8.070   1.00 0.90 ? 20 DA B H8     1 
ATOM 631 H H61    . DA B 2 10 ? 2.151   11.239  10.051  1.00 0.00 ? 20 DA B H61    1 
ATOM 632 H H62    . DA B 2 10 ? 1.306   12.292  9.083   1.00 0.00 ? 20 DA B H62    1 
ATOM 633 H H2     . DA B 2 10 ? -0.883  8.351   11.733  1.00 0.90 ? 20 DA B H2     1 
# 
